data_3VCN
#
_entry.id   3VCN
#
_cell.length_a   116.302
_cell.length_b   116.302
_cell.length_c   118.078
_cell.angle_alpha   90.00
_cell.angle_beta   90.00
_cell.angle_gamma   90.00
#
_symmetry.space_group_name_H-M   'I 4'
#
loop_
_entity.id
_entity.type
_entity.pdbx_description
1 polymer 'MANNONATE DEHYDRATASE'
2 non-polymer 'MAGNESIUM ION'
3 non-polymer GLYCEROL
4 non-polymer 'CARBONATE ION'
5 non-polymer 'CHLORIDE ION'
6 water water
#
_entity_poly.entity_id   1
_entity_poly.type   'polypeptide(L)'
_entity_poly.pdbx_seq_one_letter_code
;MHHHHHHSSGVDLGTENLYFQSMLKIIDAKVIVTCPGRNFVTLKITTEDGITGVGDATLNGRELSVVSFLQDHMVPSLIG
RDAHQIEDIWQFFYRGSYWRGGPVAMTALAAVDMALWDIKGKVAGLPVYQLLGGACRTGVTVYGHANGETIEDTIAEAVK
YKAMGYKAIRLQTGVPGLASTYGVSKDKMFYEPADNDLPTENIWSTAKYLNSVPKLFERAREVLGWDVHLLHDVHHRLTP
IEAARLGKDLEPYRLFWLEDSVPAENQAGFRLIRQHTTTPLAVGEIFAHVWDAKQLIEEQLIDYLRATVLHAGGITNLKK
IAAFADLHHVKTGCHGATDLSPVTMAAALHFDMSITNFGLQEYMRHTPETDAVFPHAYTFSDGMLHPGDKPGLGVDIDED
LAAKHPYKRAYLPVNRLEDGTMFNW
;
_entity_poly.pdbx_strand_id   A,C
#
# COMPACT_ATOMS: atom_id res chain seq x y z
N MET A 23 2.11 15.93 -30.05
CA MET A 23 1.21 14.89 -29.47
C MET A 23 1.72 13.49 -29.83
N LEU A 24 2.04 12.68 -28.82
CA LEU A 24 2.65 11.35 -29.05
C LEU A 24 1.70 10.28 -28.55
N LYS A 25 0.83 9.81 -29.44
CA LYS A 25 -0.24 8.90 -29.06
C LYS A 25 0.32 7.54 -28.67
N ILE A 26 -0.09 7.04 -27.50
CA ILE A 26 0.27 5.67 -27.11
C ILE A 26 -0.63 4.67 -27.84
N ILE A 27 -0.02 3.74 -28.57
CA ILE A 27 -0.80 2.74 -29.29
C ILE A 27 -0.72 1.34 -28.70
N ASP A 28 0.25 1.09 -27.82
CA ASP A 28 0.37 -0.24 -27.22
C ASP A 28 1.15 -0.14 -25.92
N ALA A 29 0.84 -1.04 -25.00
CA ALA A 29 1.55 -1.13 -23.75
C ALA A 29 1.47 -2.60 -23.32
N LYS A 30 2.63 -3.22 -23.15
CA LYS A 30 2.71 -4.65 -22.88
C LYS A 30 3.50 -4.89 -21.62
N VAL A 31 3.07 -5.87 -20.84
CA VAL A 31 3.83 -6.29 -19.67
C VAL A 31 4.52 -7.62 -19.99
N ILE A 32 5.83 -7.63 -19.82
CA ILE A 32 6.66 -8.81 -20.07
C ILE A 32 7.26 -9.32 -18.78
N VAL A 33 7.15 -10.63 -18.56
CA VAL A 33 7.67 -11.25 -17.36
C VAL A 33 8.74 -12.22 -17.81
N THR A 34 9.92 -12.17 -17.19
CA THR A 34 11.06 -13.02 -17.57
C THR A 34 11.86 -13.35 -16.31
N CYS A 35 12.61 -14.45 -16.36
CA CYS A 35 13.41 -14.89 -15.21
C CYS A 35 14.82 -15.29 -15.61
N PRO A 36 15.64 -14.30 -16.02
CA PRO A 36 17.00 -14.60 -16.45
C PRO A 36 17.90 -14.64 -15.23
N GLY A 37 17.64 -15.61 -14.34
CA GLY A 37 18.38 -15.75 -13.08
C GLY A 37 17.58 -15.32 -11.85
N ARG A 38 16.57 -14.47 -12.08
CA ARG A 38 15.56 -14.08 -11.08
C ARG A 38 14.45 -13.36 -11.83
N ASN A 39 13.28 -13.25 -11.22
CA ASN A 39 12.11 -12.62 -11.91
C ASN A 39 12.23 -11.13 -12.08
N PHE A 40 11.82 -10.64 -13.26
CA PHE A 40 11.68 -9.22 -13.53
C PHE A 40 10.43 -9.02 -14.32
N VAL A 41 9.73 -7.92 -14.02
CA VAL A 41 8.56 -7.51 -14.79
C VAL A 41 8.86 -6.18 -15.44
N THR A 42 8.47 -6.03 -16.71
CA THR A 42 8.80 -4.83 -17.47
C THR A 42 7.58 -4.39 -18.25
N LEU A 43 7.31 -3.08 -18.25
CA LEU A 43 6.29 -2.44 -19.11
C LEU A 43 6.98 -1.85 -20.31
N LYS A 44 6.45 -2.10 -21.50
CA LYS A 44 6.94 -1.49 -22.72
C LYS A 44 5.81 -0.74 -23.37
N ILE A 45 6.02 0.56 -23.55
CA ILE A 45 5.03 1.43 -24.13
C ILE A 45 5.47 1.77 -25.55
N THR A 46 4.56 1.64 -26.51
CA THR A 46 4.85 2.03 -27.89
C THR A 46 3.96 3.17 -28.34
N THR A 47 4.58 4.13 -29.03
CA THR A 47 3.85 5.29 -29.51
C THR A 47 3.57 5.20 -31.00
N GLU A 48 2.73 6.11 -31.48
CA GLU A 48 2.23 6.05 -32.84
C GLU A 48 3.32 5.89 -33.91
N ASP A 49 4.41 6.63 -33.77
CA ASP A 49 5.41 6.64 -34.80
C ASP A 49 6.61 5.79 -34.41
N GLY A 50 6.38 4.85 -33.47
CA GLY A 50 7.36 3.82 -33.22
C GLY A 50 8.31 4.00 -32.05
N ILE A 51 8.32 5.19 -31.44
CA ILE A 51 9.18 5.39 -30.26
C ILE A 51 8.63 4.56 -29.11
N THR A 52 9.52 3.80 -28.46
CA THR A 52 9.14 2.99 -27.31
C THR A 52 9.85 3.42 -26.04
N GLY A 53 9.27 3.07 -24.90
CA GLY A 53 9.94 3.27 -23.60
C GLY A 53 9.72 2.04 -22.75
N VAL A 54 10.67 1.76 -21.84
CA VAL A 54 10.52 0.67 -20.90
C VAL A 54 10.54 1.19 -19.46
N GLY A 55 9.88 0.44 -18.57
CA GLY A 55 9.97 0.72 -17.14
C GLY A 55 9.92 -0.57 -16.38
N ASP A 56 10.63 -0.59 -15.26
CA ASP A 56 10.65 -1.73 -14.37
C ASP A 56 9.41 -1.73 -13.49
N ALA A 57 8.83 -2.91 -13.26
CA ALA A 57 7.64 -3.07 -12.41
C ALA A 57 7.84 -4.24 -11.42
N THR A 58 9.10 -4.64 -11.19
CA THR A 58 9.37 -5.83 -10.38
C THR A 58 9.11 -5.59 -8.90
N LEU A 59 8.30 -6.45 -8.28
CA LEU A 59 8.07 -6.39 -6.84
C LEU A 59 8.41 -7.77 -6.25
N ASN A 60 9.64 -7.89 -5.76
CA ASN A 60 10.22 -9.19 -5.36
C ASN A 60 9.30 -10.00 -4.48
N GLY A 61 8.99 -11.23 -4.92
CA GLY A 61 8.11 -12.13 -4.14
C GLY A 61 6.62 -11.89 -4.23
N ARG A 62 6.21 -10.84 -4.93
CA ARG A 62 4.80 -10.58 -5.17
C ARG A 62 4.60 -10.12 -6.61
N GLU A 63 5.45 -10.61 -7.51
CA GLU A 63 5.58 -10.04 -8.86
C GLU A 63 4.30 -10.03 -9.67
N LEU A 64 3.50 -11.10 -9.55
CA LEU A 64 2.34 -11.22 -10.44
C LEU A 64 1.18 -10.29 -10.07
N SER A 65 1.19 -9.77 -8.83
CA SER A 65 0.16 -8.83 -8.42
CA SER A 65 0.15 -8.84 -8.43
C SER A 65 0.31 -7.53 -9.18
N VAL A 66 1.56 -7.09 -9.39
CA VAL A 66 1.80 -5.86 -10.18
C VAL A 66 1.49 -6.11 -11.66
N VAL A 67 1.81 -7.32 -12.15
CA VAL A 67 1.49 -7.66 -13.53
C VAL A 67 0.00 -7.43 -13.74
N SER A 68 -0.83 -7.90 -12.81
CA SER A 68 -2.27 -7.75 -12.97
C SER A 68 -2.69 -6.29 -12.78
N PHE A 69 -2.10 -5.61 -11.79
CA PHE A 69 -2.50 -4.22 -11.54
C PHE A 69 -2.28 -3.42 -12.84
N LEU A 70 -1.16 -3.68 -13.52
CA LEU A 70 -0.88 -3.03 -14.80
C LEU A 70 -1.81 -3.53 -15.91
N GLN A 71 -1.69 -4.79 -16.32
CA GLN A 71 -2.33 -5.23 -17.56
C GLN A 71 -3.86 -5.38 -17.46
N ASP A 72 -4.37 -5.70 -16.28
CA ASP A 72 -5.83 -5.81 -16.13
C ASP A 72 -6.53 -4.49 -15.78
N HIS A 73 -5.78 -3.51 -15.27
CA HIS A 73 -6.42 -2.30 -14.74
C HIS A 73 -5.85 -0.98 -15.25
N MET A 74 -4.54 -0.78 -15.15
CA MET A 74 -4.01 0.50 -15.61
C MET A 74 -3.88 0.62 -17.13
N VAL A 75 -3.35 -0.42 -17.75
CA VAL A 75 -2.95 -0.32 -19.14
C VAL A 75 -4.07 0.12 -20.09
N PRO A 76 -5.30 -0.38 -19.87
CA PRO A 76 -6.39 0.02 -20.75
C PRO A 76 -6.58 1.55 -20.82
N SER A 77 -6.29 2.26 -19.73
CA SER A 77 -6.35 3.73 -19.76
C SER A 77 -5.17 4.43 -20.44
N LEU A 78 -4.07 3.71 -20.63
CA LEU A 78 -2.90 4.30 -21.30
C LEU A 78 -3.11 4.47 -22.80
N ILE A 79 -3.83 3.54 -23.41
CA ILE A 79 -4.03 3.55 -24.84
C ILE A 79 -4.69 4.84 -25.29
N GLY A 80 -4.08 5.47 -26.30
CA GLY A 80 -4.63 6.68 -26.88
C GLY A 80 -4.19 7.96 -26.18
N ARG A 81 -3.59 7.83 -25.00
CA ARG A 81 -3.09 9.05 -24.33
C ARG A 81 -1.84 9.63 -24.97
N ASP A 82 -1.63 10.91 -24.73
CA ASP A 82 -0.42 11.60 -25.17
C ASP A 82 0.70 11.29 -24.18
N ALA A 83 1.73 10.57 -24.63
CA ALA A 83 2.83 10.17 -23.76
C ALA A 83 3.61 11.37 -23.19
N HIS A 84 3.49 12.56 -23.81
CA HIS A 84 4.19 13.73 -23.27
C HIS A 84 3.68 14.13 -21.91
N GLN A 85 2.46 13.72 -21.58
CA GLN A 85 1.83 14.21 -20.36
C GLN A 85 2.23 13.36 -19.15
N ILE A 86 3.52 13.46 -18.78
CA ILE A 86 4.05 12.59 -17.71
C ILE A 86 3.36 12.82 -16.35
N GLU A 87 3.30 14.08 -15.92
CA GLU A 87 2.75 14.39 -14.61
C GLU A 87 1.24 14.10 -14.59
N ASP A 88 0.54 14.44 -15.66
CA ASP A 88 -0.91 14.21 -15.64
C ASP A 88 -1.23 12.70 -15.57
N ILE A 89 -0.48 11.89 -16.32
CA ILE A 89 -0.67 10.46 -16.29
C ILE A 89 -0.32 9.94 -14.87
N TRP A 90 0.74 10.49 -14.27
CA TRP A 90 1.09 10.11 -12.92
C TRP A 90 -0.06 10.37 -11.96
N GLN A 91 -0.58 11.60 -12.01
CA GLN A 91 -1.69 11.93 -11.15
C GLN A 91 -2.92 11.10 -11.46
N PHE A 92 -3.16 10.86 -12.76
CA PHE A 92 -4.34 10.08 -13.14
C PHE A 92 -4.34 8.71 -12.47
N PHE A 93 -3.21 8.02 -12.50
CA PHE A 93 -3.12 6.72 -11.86
C PHE A 93 -3.05 6.79 -10.32
N TYR A 94 -2.30 7.74 -9.81
CA TYR A 94 -2.15 7.81 -8.35
C TYR A 94 -3.49 8.11 -7.69
N ARG A 95 -4.17 9.15 -8.19
CA ARG A 95 -5.47 9.56 -7.65
C ARG A 95 -6.61 8.64 -8.12
N GLY A 96 -6.54 8.23 -9.39
CA GLY A 96 -7.66 7.55 -10.04
C GLY A 96 -7.93 6.17 -9.49
N SER A 97 -6.92 5.55 -8.91
CA SER A 97 -7.11 4.20 -8.34
C SER A 97 -8.03 4.22 -7.12
N TYR A 98 -8.21 5.41 -6.53
CA TYR A 98 -9.07 5.65 -5.39
C TYR A 98 -8.43 5.22 -4.09
N TRP A 99 -8.07 3.94 -4.02
CA TRP A 99 -7.31 3.39 -2.89
C TRP A 99 -5.99 3.99 -3.16
N ARG A 100 -5.32 4.50 -2.19
CA ARG A 100 -4.17 5.32 -2.59
CA ARG A 100 -4.17 5.30 -2.61
C ARG A 100 -2.84 4.78 -2.19
N GLY A 101 -1.95 4.63 -3.12
CA GLY A 101 -0.60 4.24 -2.79
C GLY A 101 -0.48 2.76 -2.49
N GLY A 102 0.60 2.43 -1.81
CA GLY A 102 0.90 1.05 -1.45
C GLY A 102 1.95 0.50 -2.42
N PRO A 103 2.68 -0.55 -2.01
CA PRO A 103 3.77 -1.02 -2.87
C PRO A 103 3.32 -1.54 -4.23
N VAL A 104 2.21 -2.26 -4.29
CA VAL A 104 1.74 -2.76 -5.59
C VAL A 104 1.39 -1.60 -6.56
N ALA A 105 0.51 -0.67 -6.14
CA ALA A 105 0.13 0.45 -6.98
C ALA A 105 1.32 1.35 -7.35
N MET A 106 2.20 1.65 -6.38
CA MET A 106 3.28 2.59 -6.66
C MET A 106 4.39 1.98 -7.52
N THR A 107 4.58 0.66 -7.45
CA THR A 107 5.53 0.00 -8.32
C THR A 107 4.97 -0.08 -9.74
N ALA A 108 3.67 -0.32 -9.89
CA ALA A 108 3.05 -0.29 -11.21
C ALA A 108 3.17 1.10 -11.81
N LEU A 109 2.92 2.12 -10.98
CA LEU A 109 3.03 3.48 -11.45
C LEU A 109 4.47 3.84 -11.83
N ALA A 110 5.45 3.36 -11.05
CA ALA A 110 6.85 3.59 -11.40
C ALA A 110 7.17 3.11 -12.81
N ALA A 111 6.66 1.91 -13.17
CA ALA A 111 6.92 1.34 -14.50
C ALA A 111 6.41 2.30 -15.57
N VAL A 112 5.19 2.78 -15.42
CA VAL A 112 4.64 3.72 -16.38
C VAL A 112 5.55 4.98 -16.46
N ASP A 113 5.84 5.56 -15.30
CA ASP A 113 6.65 6.77 -15.22
C ASP A 113 8.03 6.62 -15.88
N MET A 114 8.73 5.53 -15.57
CA MET A 114 10.03 5.29 -16.19
C MET A 114 9.91 5.24 -17.70
N ALA A 115 8.93 4.49 -18.19
CA ALA A 115 8.74 4.36 -19.65
C ALA A 115 8.44 5.72 -20.29
N LEU A 116 7.63 6.54 -19.63
CA LEU A 116 7.29 7.85 -20.20
C LEU A 116 8.56 8.77 -20.27
N TRP A 117 9.37 8.75 -19.22
CA TRP A 117 10.61 9.52 -19.24
C TRP A 117 11.57 9.04 -20.31
N ASP A 118 11.64 7.73 -20.49
CA ASP A 118 12.43 7.11 -21.58
C ASP A 118 11.97 7.69 -22.93
N ILE A 119 10.68 7.62 -23.22
CA ILE A 119 10.12 8.24 -24.42
C ILE A 119 10.46 9.71 -24.54
N LYS A 120 10.35 10.46 -23.43
CA LYS A 120 10.61 11.91 -23.44
C LYS A 120 12.05 12.19 -23.88
N GLY A 121 12.99 11.44 -23.32
CA GLY A 121 14.39 11.61 -23.69
C GLY A 121 14.57 11.31 -25.17
N LYS A 122 13.92 10.25 -25.65
CA LYS A 122 14.07 9.89 -27.04
C LYS A 122 13.53 10.99 -27.97
N VAL A 123 12.36 11.54 -27.63
CA VAL A 123 11.79 12.63 -28.43
C VAL A 123 12.71 13.84 -28.42
N ALA A 124 13.27 14.12 -27.25
CA ALA A 124 14.13 15.28 -27.05
C ALA A 124 15.52 15.06 -27.61
N GLY A 125 15.83 13.82 -27.98
CA GLY A 125 17.17 13.45 -28.42
C GLY A 125 18.24 13.62 -27.34
N LEU A 126 17.87 13.41 -26.08
CA LEU A 126 18.77 13.62 -24.95
C LEU A 126 18.64 12.48 -23.92
N PRO A 127 19.73 12.16 -23.22
CA PRO A 127 19.63 11.26 -22.08
C PRO A 127 18.74 11.88 -21.01
N VAL A 128 18.01 11.05 -20.27
CA VAL A 128 17.05 11.58 -19.31
C VAL A 128 17.66 12.57 -18.31
N TYR A 129 18.87 12.32 -17.82
CA TYR A 129 19.45 13.25 -16.82
C TYR A 129 19.55 14.67 -17.34
N GLN A 130 19.68 14.83 -18.67
CA GLN A 130 19.72 16.17 -19.24
C GLN A 130 18.39 16.92 -19.12
N LEU A 131 17.28 16.20 -18.93
CA LEU A 131 15.96 16.84 -18.77
C LEU A 131 15.69 17.20 -17.33
N LEU A 132 16.42 16.61 -16.39
CA LEU A 132 16.10 16.71 -14.97
C LEU A 132 16.96 17.72 -14.24
N GLY A 133 17.81 18.45 -14.96
CA GLY A 133 18.78 19.32 -14.30
C GLY A 133 20.20 19.27 -14.87
N GLY A 134 20.52 18.21 -15.63
CA GLY A 134 21.90 18.08 -16.14
C GLY A 134 22.83 17.44 -15.13
N ALA A 135 24.08 17.23 -15.55
CA ALA A 135 25.03 16.52 -14.73
C ALA A 135 25.45 17.40 -13.54
N CYS A 136 25.36 16.82 -12.35
CA CYS A 136 25.85 17.46 -11.12
C CYS A 136 27.14 16.87 -10.55
N ARG A 137 27.75 15.93 -11.27
CA ARG A 137 28.90 15.16 -10.78
C ARG A 137 29.47 14.37 -11.97
N THR A 138 30.66 13.82 -11.80
CA THR A 138 31.29 13.15 -12.92
C THR A 138 30.74 11.73 -13.13
N GLY A 139 30.18 11.16 -12.07
CA GLY A 139 29.64 9.81 -12.11
C GLY A 139 28.94 9.57 -10.77
N VAL A 140 28.35 8.38 -10.60
CA VAL A 140 27.48 8.05 -9.48
C VAL A 140 28.22 7.04 -8.57
N THR A 141 28.69 7.51 -7.41
CA THR A 141 29.50 6.62 -6.54
C THR A 141 28.64 5.53 -5.95
N VAL A 142 29.12 4.28 -6.02
CA VAL A 142 28.35 3.14 -5.52
C VAL A 142 28.95 2.51 -4.28
N TYR A 143 28.16 1.63 -3.64
CA TYR A 143 28.74 0.66 -2.72
C TYR A 143 28.51 -0.77 -3.21
N GLY A 144 29.44 -1.64 -2.84
CA GLY A 144 29.37 -3.08 -3.09
C GLY A 144 29.05 -3.86 -1.82
N HIS A 145 29.16 -5.18 -1.90
CA HIS A 145 28.49 -6.07 -0.94
C HIS A 145 29.37 -7.16 -0.45
N ALA A 146 30.19 -6.84 0.55
CA ALA A 146 31.09 -7.81 1.14
C ALA A 146 30.37 -8.64 2.19
N ASN A 147 30.49 -9.96 2.12
CA ASN A 147 29.85 -10.77 3.15
C ASN A 147 30.65 -12.03 3.38
N GLY A 148 30.49 -12.62 4.56
CA GLY A 148 31.11 -13.89 4.85
C GLY A 148 30.60 -14.44 6.17
N GLU A 149 30.82 -15.72 6.43
CA GLU A 149 30.31 -16.35 7.64
C GLU A 149 31.08 -15.90 8.88
N THR A 150 32.38 -15.67 8.75
CA THR A 150 33.19 -15.16 9.86
C THR A 150 33.66 -13.73 9.57
N ILE A 151 34.14 -13.04 10.60
CA ILE A 151 34.63 -11.68 10.39
C ILE A 151 35.79 -11.69 9.38
N GLU A 152 36.73 -12.63 9.55
CA GLU A 152 37.85 -12.74 8.60
C GLU A 152 37.38 -12.91 7.15
N ASP A 153 36.31 -13.69 6.94
CA ASP A 153 35.79 -13.93 5.59
C ASP A 153 35.22 -12.65 5.01
N THR A 154 34.46 -11.92 5.84
CA THR A 154 33.84 -10.70 5.38
C THR A 154 34.93 -9.67 5.04
N ILE A 155 35.94 -9.57 5.88
CA ILE A 155 37.01 -8.60 5.63
C ILE A 155 37.84 -8.94 4.38
N ALA A 156 38.14 -10.21 4.15
CA ALA A 156 38.79 -10.58 2.90
C ALA A 156 37.94 -10.18 1.68
N GLU A 157 36.62 -10.35 1.77
CA GLU A 157 35.77 -9.85 0.69
C GLU A 157 35.88 -8.35 0.50
N ALA A 158 35.92 -7.63 1.64
CA ALA A 158 36.03 -6.17 1.54
C ALA A 158 37.34 -5.75 0.87
N VAL A 159 38.42 -6.43 1.23
CA VAL A 159 39.72 -6.19 0.59
C VAL A 159 39.61 -6.36 -0.93
N LYS A 160 38.93 -7.43 -1.37
CA LYS A 160 38.67 -7.64 -2.81
C LYS A 160 37.93 -6.44 -3.41
N TYR A 161 36.85 -5.99 -2.77
CA TYR A 161 36.11 -4.88 -3.33
C TYR A 161 36.98 -3.61 -3.40
N LYS A 162 37.79 -3.37 -2.36
CA LYS A 162 38.65 -2.20 -2.34
C LYS A 162 39.66 -2.22 -3.50
N ALA A 163 40.18 -3.41 -3.81
CA ALA A 163 41.09 -3.59 -4.97
C ALA A 163 40.36 -3.39 -6.29
N MET A 164 39.07 -3.72 -6.33
CA MET A 164 38.22 -3.43 -7.50
C MET A 164 37.83 -1.95 -7.67
N GLY A 165 38.32 -1.07 -6.78
CA GLY A 165 38.08 0.37 -6.86
C GLY A 165 36.81 0.88 -6.21
N TYR A 166 36.17 0.08 -5.37
CA TYR A 166 34.96 0.55 -4.69
C TYR A 166 35.39 1.53 -3.62
N LYS A 167 34.68 2.66 -3.56
CA LYS A 167 34.94 3.68 -2.56
C LYS A 167 34.10 3.46 -1.31
N ALA A 168 33.12 2.58 -1.42
CA ALA A 168 32.15 2.34 -0.32
C ALA A 168 31.80 0.87 -0.39
N ILE A 169 31.73 0.23 0.79
CA ILE A 169 31.48 -1.19 0.85
C ILE A 169 30.57 -1.50 2.03
N ARG A 170 29.48 -2.23 1.77
CA ARG A 170 28.65 -2.73 2.87
C ARG A 170 29.28 -4.03 3.44
N LEU A 171 29.26 -4.19 4.77
CA LEU A 171 29.79 -5.39 5.39
C LEU A 171 28.69 -6.11 6.15
N GLN A 172 28.50 -7.41 5.87
CA GLN A 172 27.55 -8.24 6.61
C GLN A 172 28.32 -9.52 6.97
N THR A 173 28.08 -10.06 8.17
CA THR A 173 28.83 -11.21 8.64
C THR A 173 27.91 -12.16 9.44
N GLY A 174 28.28 -13.43 9.49
CA GLY A 174 27.52 -14.37 10.30
C GLY A 174 27.44 -13.98 11.77
N VAL A 175 26.34 -14.34 12.41
CA VAL A 175 26.17 -14.09 13.83
C VAL A 175 26.58 -15.36 14.55
N PRO A 176 27.58 -15.28 15.44
CA PRO A 176 27.97 -16.46 16.21
C PRO A 176 26.78 -17.04 16.97
N GLY A 177 26.55 -18.35 16.78
CA GLY A 177 25.43 -19.03 17.42
C GLY A 177 24.10 -18.97 16.68
N LEU A 178 24.09 -18.39 15.46
CA LEU A 178 22.91 -18.45 14.57
C LEU A 178 23.29 -19.13 13.26
N ALA A 179 22.42 -20.01 12.76
CA ALA A 179 22.66 -20.72 11.50
C ALA A 179 22.70 -19.79 10.30
N SER A 180 21.93 -18.72 10.33
CA SER A 180 21.86 -17.83 9.16
C SER A 180 21.55 -16.41 9.59
N THR A 181 21.91 -15.45 8.75
CA THR A 181 21.54 -14.06 9.02
C THR A 181 21.40 -13.33 7.71
N TYR A 182 20.89 -12.12 7.77
CA TYR A 182 20.66 -11.30 6.56
C TYR A 182 21.99 -11.06 5.80
N GLY A 183 21.98 -11.30 4.49
CA GLY A 183 23.07 -10.77 3.67
C GLY A 183 24.32 -11.61 3.54
N VAL A 184 24.31 -12.80 4.16
CA VAL A 184 25.46 -13.71 4.16
C VAL A 184 25.08 -14.96 3.37
N SER A 185 25.83 -15.23 2.29
CA SER A 185 25.51 -16.39 1.44
C SER A 185 26.72 -16.74 0.60
N LYS A 186 26.57 -17.75 -0.26
CA LYS A 186 27.66 -18.12 -1.16
C LYS A 186 27.90 -17.11 -2.28
N ASP A 187 26.96 -16.19 -2.49
CA ASP A 187 27.12 -15.18 -3.55
C ASP A 187 27.91 -14.01 -3.02
N LYS A 188 28.85 -13.51 -3.84
CA LYS A 188 29.82 -12.59 -3.34
C LYS A 188 29.79 -11.18 -3.98
N MET A 189 29.37 -11.08 -5.25
CA MET A 189 29.20 -9.79 -5.93
C MET A 189 27.78 -9.27 -5.81
N PHE A 190 26.93 -10.05 -5.16
CA PHE A 190 25.50 -9.73 -4.98
C PHE A 190 24.96 -10.64 -3.92
N TYR A 191 23.67 -10.49 -3.60
CA TYR A 191 23.01 -11.34 -2.64
C TYR A 191 21.61 -11.54 -3.20
N GLU A 192 21.17 -12.79 -3.32
CA GLU A 192 19.90 -13.13 -4.00
C GLU A 192 19.08 -13.98 -3.05
N PRO A 193 18.37 -13.32 -2.12
CA PRO A 193 17.72 -14.06 -1.03
C PRO A 193 16.42 -14.75 -1.42
N ALA A 194 15.75 -14.30 -2.48
CA ALA A 194 14.49 -14.95 -2.91
C ALA A 194 14.85 -16.26 -3.63
N ASP A 195 15.03 -17.32 -2.84
CA ASP A 195 15.76 -18.54 -3.27
C ASP A 195 14.96 -19.82 -3.19
N ASN A 196 13.65 -19.74 -2.93
CA ASN A 196 12.87 -20.95 -2.78
C ASN A 196 11.42 -20.77 -3.20
N ASP A 197 10.74 -21.88 -3.49
CA ASP A 197 9.36 -21.76 -3.97
C ASP A 197 8.32 -21.75 -2.85
N LEU A 198 8.80 -21.85 -1.61
CA LEU A 198 8.09 -21.32 -0.43
C LEU A 198 9.12 -20.52 0.38
N PRO A 199 8.66 -19.54 1.20
CA PRO A 199 9.67 -18.71 1.90
C PRO A 199 10.56 -19.56 2.77
N THR A 200 11.88 -19.38 2.62
CA THR A 200 12.84 -20.03 3.51
C THR A 200 12.71 -19.47 4.94
N GLU A 201 12.72 -20.35 5.93
CA GLU A 201 12.52 -19.98 7.33
C GLU A 201 13.85 -19.75 8.04
N ASN A 202 13.93 -18.67 8.80
CA ASN A 202 15.15 -18.38 9.54
C ASN A 202 14.81 -18.17 11.00
N ILE A 203 15.83 -18.27 11.85
CA ILE A 203 15.67 -18.06 13.27
C ILE A 203 16.59 -16.94 13.71
N TRP A 204 16.11 -16.12 14.65
CA TRP A 204 16.82 -14.89 15.04
C TRP A 204 17.04 -14.75 16.53
N SER A 205 18.20 -14.23 16.93
CA SER A 205 18.44 -13.72 18.30
C SER A 205 19.02 -12.32 18.22
N THR A 206 18.26 -11.32 18.68
CA THR A 206 18.80 -9.95 18.74
C THR A 206 20.05 -9.87 19.61
N ALA A 207 20.00 -10.46 20.81
CA ALA A 207 21.13 -10.34 21.73
C ALA A 207 22.41 -10.90 21.09
N LYS A 208 22.35 -12.06 20.43
CA LYS A 208 23.59 -12.61 19.84
C LYS A 208 24.21 -11.65 18.83
N TYR A 209 23.36 -10.95 18.10
CA TYR A 209 23.82 -9.98 17.09
C TYR A 209 24.41 -8.72 17.70
N LEU A 210 23.69 -8.16 18.67
CA LEU A 210 24.16 -6.93 19.35
C LEU A 210 25.50 -7.09 20.03
N ASN A 211 25.74 -8.28 20.56
CA ASN A 211 27.00 -8.59 21.22
C ASN A 211 28.17 -8.87 20.29
N SER A 212 27.91 -9.03 19.00
CA SER A 212 28.95 -9.57 18.12
C SER A 212 29.30 -8.63 16.97
N VAL A 213 28.30 -7.98 16.37
CA VAL A 213 28.57 -7.21 15.15
C VAL A 213 29.55 -6.00 15.25
N PRO A 214 29.64 -5.32 16.41
CA PRO A 214 30.64 -4.22 16.41
C PRO A 214 32.07 -4.69 16.12
N LYS A 215 32.38 -5.93 16.49
CA LYS A 215 33.72 -6.48 16.25
C LYS A 215 34.06 -6.52 14.77
N LEU A 216 33.03 -6.70 13.93
CA LEU A 216 33.25 -6.71 12.51
C LEU A 216 33.85 -5.37 12.05
N PHE A 217 33.31 -4.26 12.56
CA PHE A 217 33.74 -2.94 12.09
C PHE A 217 35.05 -2.50 12.76
N GLU A 218 35.31 -3.00 13.96
CA GLU A 218 36.60 -2.78 14.58
C GLU A 218 37.69 -3.41 13.71
N ARG A 219 37.53 -4.70 13.38
CA ARG A 219 38.47 -5.39 12.54
C ARG A 219 38.58 -4.75 11.16
N ALA A 220 37.44 -4.36 10.59
CA ALA A 220 37.47 -3.75 9.26
C ALA A 220 38.37 -2.50 9.21
N ARG A 221 38.29 -1.66 10.24
CA ARG A 221 39.10 -0.45 10.23
C ARG A 221 40.58 -0.78 10.36
N GLU A 222 40.92 -1.81 11.15
CA GLU A 222 42.32 -2.24 11.33
C GLU A 222 42.92 -2.66 9.98
N VAL A 223 42.13 -3.41 9.19
CA VAL A 223 42.60 -3.90 7.88
C VAL A 223 42.43 -2.91 6.71
N LEU A 224 41.26 -2.28 6.60
CA LEU A 224 40.92 -1.45 5.43
C LEU A 224 41.33 0.02 5.55
N GLY A 225 41.55 0.51 6.76
CA GLY A 225 41.80 1.91 6.95
C GLY A 225 40.56 2.76 7.03
N TRP A 226 40.77 4.08 7.03
CA TRP A 226 39.75 5.06 7.33
C TRP A 226 39.22 5.84 6.14
N ASP A 227 39.74 5.61 4.94
CA ASP A 227 39.25 6.43 3.80
C ASP A 227 38.07 5.78 3.13
N VAL A 228 38.02 4.46 3.20
CA VAL A 228 36.94 3.72 2.56
C VAL A 228 35.65 3.91 3.36
N HIS A 229 34.52 4.11 2.69
CA HIS A 229 33.25 4.27 3.37
C HIS A 229 32.70 2.88 3.69
N LEU A 230 32.24 2.66 4.91
CA LEU A 230 31.76 1.34 5.34
C LEU A 230 30.31 1.46 5.78
N LEU A 231 29.47 0.54 5.31
CA LEU A 231 28.03 0.59 5.55
C LEU A 231 27.54 -0.70 6.19
N HIS A 232 26.39 -0.65 6.84
CA HIS A 232 25.79 -1.85 7.44
C HIS A 232 24.26 -1.82 7.38
N ASP A 233 23.66 -2.95 7.00
CA ASP A 233 22.22 -3.07 6.90
C ASP A 233 21.75 -3.94 8.08
N VAL A 234 21.02 -3.34 9.01
CA VAL A 234 20.49 -4.02 10.18
C VAL A 234 19.27 -4.86 9.80
N HIS A 235 18.58 -4.43 8.74
CA HIS A 235 17.53 -5.26 8.16
C HIS A 235 16.36 -5.54 9.09
N HIS A 236 15.91 -4.49 9.79
CA HIS A 236 14.60 -4.44 10.47
C HIS A 236 14.49 -5.18 11.77
N ARG A 237 15.62 -5.55 12.35
CA ARG A 237 15.60 -6.52 13.44
C ARG A 237 15.69 -5.96 14.87
N LEU A 238 15.79 -4.63 15.02
CA LEU A 238 15.91 -3.98 16.35
C LEU A 238 14.72 -3.15 16.78
N THR A 239 14.66 -2.85 18.07
CA THR A 239 13.77 -1.82 18.55
C THR A 239 14.58 -0.54 18.62
N PRO A 240 13.89 0.61 18.79
CA PRO A 240 14.65 1.86 18.81
C PRO A 240 15.75 1.93 19.86
N ILE A 241 15.48 1.49 21.10
CA ILE A 241 16.53 1.58 22.12
C ILE A 241 17.70 0.62 21.83
N GLU A 242 17.43 -0.49 21.12
CA GLU A 242 18.47 -1.41 20.70
C GLU A 242 19.30 -0.79 19.59
N ALA A 243 18.62 -0.14 18.64
CA ALA A 243 19.33 0.52 17.56
C ALA A 243 20.17 1.69 18.09
N ALA A 244 19.68 2.36 19.12
CA ALA A 244 20.42 3.44 19.75
C ALA A 244 21.72 2.89 20.31
N ARG A 245 21.64 1.74 20.97
CA ARG A 245 22.83 1.11 21.52
C ARG A 245 23.80 0.67 20.42
N LEU A 246 23.29 0.03 19.36
CA LEU A 246 24.15 -0.44 18.31
C LEU A 246 24.84 0.76 17.66
N GLY A 247 24.09 1.83 17.39
CA GLY A 247 24.67 3.02 16.79
C GLY A 247 25.81 3.57 17.67
N LYS A 248 25.60 3.65 18.97
CA LYS A 248 26.70 4.05 19.86
C LYS A 248 27.93 3.15 19.78
N ASP A 249 27.71 1.84 19.82
CA ASP A 249 28.79 0.86 19.73
C ASP A 249 29.57 0.96 18.43
N LEU A 250 28.92 1.47 17.39
CA LEU A 250 29.56 1.58 16.08
C LEU A 250 30.18 2.96 15.82
N GLU A 251 29.95 3.94 16.69
CA GLU A 251 30.53 5.29 16.48
C GLU A 251 32.07 5.30 16.29
N PRO A 252 32.81 4.49 17.05
CA PRO A 252 34.26 4.56 16.86
C PRO A 252 34.73 4.27 15.42
N TYR A 253 33.88 3.59 14.64
CA TYR A 253 34.29 3.11 13.32
C TYR A 253 33.76 3.99 12.19
N ARG A 254 33.02 5.04 12.57
CA ARG A 254 32.61 6.07 11.60
C ARG A 254 31.96 5.48 10.36
N LEU A 255 30.88 4.71 10.56
CA LEU A 255 30.15 4.18 9.42
C LEU A 255 29.53 5.27 8.56
N PHE A 256 29.45 4.99 7.26
CA PHE A 256 28.77 5.88 6.32
C PHE A 256 27.27 5.94 6.66
N TRP A 257 26.67 4.79 6.89
CA TRP A 257 25.31 4.73 7.42
C TRP A 257 25.00 3.40 8.04
N LEU A 258 24.01 3.44 8.92
CA LEU A 258 23.42 2.27 9.56
C LEU A 258 21.99 2.20 9.08
N GLU A 259 21.65 1.14 8.35
CA GLU A 259 20.43 1.08 7.54
C GLU A 259 19.31 0.21 8.12
N ASP A 260 18.08 0.71 8.03
CA ASP A 260 16.84 -0.05 8.35
C ASP A 260 16.94 -0.65 9.76
N SER A 261 17.41 0.16 10.70
CA SER A 261 17.68 -0.40 11.99
C SER A 261 16.41 -0.91 12.71
N VAL A 262 15.29 -0.21 12.48
CA VAL A 262 14.00 -0.54 13.08
CA VAL A 262 14.01 -0.52 13.09
C VAL A 262 12.92 -0.43 12.04
N PRO A 263 11.88 -1.29 12.12
CA PRO A 263 10.76 -1.08 11.18
C PRO A 263 10.24 0.36 11.36
N ALA A 264 9.86 0.99 10.25
CA ALA A 264 9.68 2.46 10.26
C ALA A 264 8.25 2.94 10.16
N GLU A 265 7.27 2.04 10.28
CA GLU A 265 5.89 2.52 10.23
C GLU A 265 5.60 3.60 11.27
N ASN A 266 6.11 3.39 12.47
CA ASN A 266 6.08 4.41 13.52
C ASN A 266 7.31 5.26 13.31
N GLN A 267 7.17 6.36 12.60
CA GLN A 267 8.38 7.10 12.24
C GLN A 267 8.99 7.76 13.48
N ALA A 268 8.17 8.05 14.49
CA ALA A 268 8.74 8.62 15.73
C ALA A 268 9.71 7.67 16.43
N GLY A 269 9.70 6.38 16.04
CA GLY A 269 10.68 5.43 16.62
C GLY A 269 12.10 5.91 16.41
N PHE A 270 12.37 6.65 15.32
CA PHE A 270 13.76 7.06 15.07
C PHE A 270 14.17 8.21 15.99
N ARG A 271 13.23 8.85 16.69
CA ARG A 271 13.62 9.89 17.65
C ARG A 271 14.56 9.37 18.74
N LEU A 272 14.28 8.17 19.28
CA LEU A 272 15.17 7.62 20.32
C LEU A 272 16.57 7.31 19.79
N ILE A 273 16.65 6.82 18.55
CA ILE A 273 17.94 6.48 17.99
C ILE A 273 18.73 7.79 17.86
N ARG A 274 18.08 8.80 17.32
CA ARG A 274 18.74 10.07 17.04
C ARG A 274 19.24 10.76 18.32
N GLN A 275 18.50 10.58 19.42
CA GLN A 275 18.84 11.20 20.69
CA GLN A 275 18.79 11.13 20.74
C GLN A 275 20.11 10.61 21.30
N HIS A 276 20.44 9.39 20.91
CA HIS A 276 21.50 8.62 21.56
C HIS A 276 22.74 8.37 20.79
N THR A 277 22.67 8.42 19.45
CA THR A 277 23.84 8.13 18.65
C THR A 277 24.08 9.16 17.56
N THR A 278 25.36 9.37 17.24
CA THR A 278 25.72 10.13 16.04
C THR A 278 26.07 9.28 14.82
N THR A 279 25.94 7.96 14.93
CA THR A 279 26.13 7.14 13.73
C THR A 279 25.04 7.53 12.71
N PRO A 280 25.43 7.84 11.47
CA PRO A 280 24.42 8.33 10.50
C PRO A 280 23.41 7.23 10.16
N LEU A 281 22.15 7.61 9.93
CA LEU A 281 21.09 6.65 9.73
C LEU A 281 20.53 6.68 8.31
N ALA A 282 20.19 5.50 7.77
CA ALA A 282 19.52 5.39 6.49
C ALA A 282 18.29 4.51 6.69
N VAL A 283 17.26 4.77 5.88
CA VAL A 283 16.07 3.91 5.87
C VAL A 283 15.28 4.14 4.58
N GLY A 284 14.50 3.15 4.17
CA GLY A 284 13.44 3.38 3.22
C GLY A 284 13.39 2.63 1.91
N GLU A 285 14.16 1.55 1.75
CA GLU A 285 14.07 0.83 0.48
C GLU A 285 12.63 0.36 0.17
N ILE A 286 11.86 0.07 1.23
CA ILE A 286 10.49 -0.45 1.03
C ILE A 286 9.42 0.65 0.86
N PHE A 287 9.81 1.92 1.02
CA PHE A 287 8.82 2.99 1.04
C PHE A 287 8.12 3.14 -0.32
N ALA A 288 6.83 3.35 -0.27
CA ALA A 288 6.02 3.49 -1.49
C ALA A 288 5.71 4.94 -1.84
N HIS A 289 5.78 5.83 -0.87
CA HIS A 289 5.43 7.23 -1.14
C HIS A 289 6.11 8.16 -0.16
N VAL A 290 6.03 9.47 -0.42
CA VAL A 290 6.65 10.48 0.41
C VAL A 290 6.17 10.36 1.88
N TRP A 291 4.91 9.94 2.05
CA TRP A 291 4.32 9.93 3.38
C TRP A 291 5.01 8.95 4.29
N ASP A 292 5.65 7.93 3.72
CA ASP A 292 6.35 6.94 4.58
C ASP A 292 7.62 7.54 5.18
N ALA A 293 8.05 8.70 4.68
CA ALA A 293 9.31 9.32 5.13
C ALA A 293 9.13 10.75 5.67
N LYS A 294 7.91 11.25 5.63
CA LYS A 294 7.75 12.68 5.86
C LYS A 294 8.19 13.11 7.25
N GLN A 295 7.81 12.36 8.27
CA GLN A 295 8.22 12.67 9.64
C GLN A 295 9.71 12.45 9.85
N LEU A 296 10.22 11.35 9.30
CA LEU A 296 11.65 11.06 9.37
C LEU A 296 12.47 12.22 8.82
N ILE A 297 12.05 12.72 7.66
CA ILE A 297 12.79 13.83 7.04
C ILE A 297 12.59 15.15 7.79
N GLU A 298 11.32 15.52 8.07
CA GLU A 298 11.07 16.84 8.62
C GLU A 298 11.64 17.02 10.03
N GLU A 299 11.81 15.94 10.79
CA GLU A 299 12.44 16.03 12.12
C GLU A 299 13.93 15.74 12.09
N GLN A 300 14.51 15.65 10.89
CA GLN A 300 15.97 15.38 10.74
C GLN A 300 16.39 14.10 11.46
N LEU A 301 15.60 13.03 11.31
CA LEU A 301 15.83 11.77 11.99
C LEU A 301 16.74 10.82 11.23
N ILE A 302 16.94 11.10 9.94
CA ILE A 302 17.76 10.26 9.09
C ILE A 302 18.73 11.14 8.29
N ASP A 303 19.76 10.52 7.73
CA ASP A 303 20.71 11.21 6.91
C ASP A 303 20.62 10.78 5.47
N TYR A 304 20.13 9.56 5.21
CA TYR A 304 19.99 9.06 3.85
C TYR A 304 18.64 8.39 3.65
N LEU A 305 17.97 8.80 2.57
CA LEU A 305 16.68 8.17 2.19
C LEU A 305 16.95 7.10 1.13
N ARG A 306 16.47 5.87 1.36
CA ARG A 306 16.83 4.68 0.56
C ARG A 306 15.77 4.39 -0.51
N ALA A 307 14.71 5.17 -0.49
CA ALA A 307 13.59 4.95 -1.41
C ALA A 307 14.03 5.03 -2.87
N THR A 308 13.35 4.28 -3.74
CA THR A 308 13.79 4.14 -5.13
C THR A 308 12.79 4.56 -6.17
N VAL A 309 13.28 4.82 -7.40
CA VAL A 309 12.38 5.13 -8.50
C VAL A 309 11.45 3.96 -8.75
N LEU A 310 11.88 2.75 -8.42
CA LEU A 310 11.02 1.56 -8.65
C LEU A 310 9.84 1.44 -7.68
N HIS A 311 10.12 1.56 -6.38
CA HIS A 311 9.09 1.26 -5.39
C HIS A 311 8.37 2.45 -4.85
N ALA A 312 8.88 3.65 -5.13
CA ALA A 312 8.22 4.86 -4.67
C ALA A 312 7.70 5.72 -5.84
N GLY A 313 7.26 5.09 -6.94
CA GLY A 313 6.48 5.84 -7.93
C GLY A 313 7.23 6.62 -9.01
N GLY A 314 8.46 6.21 -9.32
CA GLY A 314 9.12 6.71 -10.51
C GLY A 314 10.02 7.91 -10.31
N ILE A 315 10.67 8.33 -11.38
CA ILE A 315 11.44 9.58 -11.37
C ILE A 315 10.61 10.78 -10.96
N THR A 316 9.39 10.86 -11.48
CA THR A 316 8.54 12.01 -11.16
C THR A 316 8.41 12.19 -9.65
N ASN A 317 8.12 11.10 -8.94
CA ASN A 317 7.88 11.21 -7.51
C ASN A 317 9.19 11.34 -6.74
N LEU A 318 10.24 10.59 -7.11
CA LEU A 318 11.45 10.64 -6.32
C LEU A 318 12.16 12.01 -6.43
N LYS A 319 12.00 12.69 -7.56
CA LYS A 319 12.53 14.04 -7.74
C LYS A 319 11.87 15.02 -6.76
N LYS A 320 10.57 14.85 -6.53
CA LYS A 320 9.87 15.70 -5.59
C LYS A 320 10.32 15.38 -4.18
N ILE A 321 10.45 14.10 -3.88
CA ILE A 321 10.87 13.70 -2.54
C ILE A 321 12.30 14.18 -2.22
N ALA A 322 13.20 14.08 -3.21
CA ALA A 322 14.59 14.52 -3.00
C ALA A 322 14.67 16.02 -2.69
N ALA A 323 13.78 16.79 -3.33
CA ALA A 323 13.74 18.23 -3.10
C ALA A 323 13.36 18.49 -1.65
N PHE A 324 12.33 17.79 -1.16
CA PHE A 324 11.90 17.92 0.23
C PHE A 324 13.05 17.48 1.16
N ALA A 325 13.66 16.33 0.86
CA ALA A 325 14.81 15.84 1.63
C ALA A 325 15.92 16.88 1.78
N ASP A 326 16.22 17.58 0.68
CA ASP A 326 17.33 18.54 0.67
C ASP A 326 17.09 19.73 1.61
N LEU A 327 15.86 19.95 2.04
CA LEU A 327 15.59 21.07 2.95
C LEU A 327 15.96 20.66 4.34
N HIS A 328 16.20 19.38 4.57
CA HIS A 328 16.45 18.85 5.93
C HIS A 328 17.73 18.06 6.07
N HIS A 329 18.72 18.37 5.24
CA HIS A 329 20.02 17.71 5.23
C HIS A 329 19.97 16.24 4.92
N VAL A 330 18.95 15.78 4.21
CA VAL A 330 18.85 14.36 3.89
C VAL A 330 19.35 14.17 2.47
N LYS A 331 20.18 13.15 2.26
CA LYS A 331 20.74 12.84 0.93
C LYS A 331 20.07 11.56 0.42
N THR A 332 20.11 11.34 -0.90
CA THR A 332 19.65 10.06 -1.42
C THR A 332 20.65 8.92 -1.26
N GLY A 333 20.13 7.74 -0.95
CA GLY A 333 20.94 6.51 -0.90
C GLY A 333 20.15 5.35 -1.49
N CYS A 334 19.72 5.52 -2.73
CA CYS A 334 18.84 4.55 -3.33
C CYS A 334 19.29 3.11 -3.21
N HIS A 335 18.33 2.27 -2.89
CA HIS A 335 18.44 0.83 -2.87
C HIS A 335 18.75 0.35 -4.27
N GLY A 336 19.51 -0.74 -4.37
CA GLY A 336 20.03 -1.25 -5.60
C GLY A 336 20.32 -2.72 -5.62
N ALA A 337 19.46 -3.47 -4.97
CA ALA A 337 19.59 -4.92 -4.90
C ALA A 337 19.20 -5.54 -6.22
N THR A 338 19.49 -6.82 -6.38
CA THR A 338 19.27 -7.47 -7.70
C THR A 338 17.86 -7.40 -8.24
N ASP A 339 16.87 -7.21 -7.35
CA ASP A 339 15.45 -7.27 -7.74
C ASP A 339 14.98 -5.94 -8.33
N LEU A 340 15.91 -5.01 -8.49
CA LEU A 340 15.73 -3.81 -9.31
C LEU A 340 16.44 -4.12 -10.62
N SER A 341 15.69 -4.19 -11.73
CA SER A 341 16.29 -4.60 -13.00
C SER A 341 17.20 -3.50 -13.56
N PRO A 342 18.02 -3.83 -14.55
CA PRO A 342 18.75 -2.78 -15.26
C PRO A 342 17.91 -1.59 -15.73
N VAL A 343 16.60 -1.77 -15.94
CA VAL A 343 15.78 -0.63 -16.34
C VAL A 343 15.67 0.33 -15.15
N THR A 344 15.46 -0.21 -13.96
CA THR A 344 15.49 0.64 -12.77
C THR A 344 16.86 1.28 -12.59
N MET A 345 17.94 0.52 -12.81
CA MET A 345 19.28 1.08 -12.54
C MET A 345 19.56 2.23 -13.51
N ALA A 346 19.18 2.06 -14.79
CA ALA A 346 19.28 3.18 -15.74
C ALA A 346 18.53 4.40 -15.18
N ALA A 347 17.25 4.21 -14.80
CA ALA A 347 16.46 5.36 -14.35
C ALA A 347 17.08 5.96 -13.08
N ALA A 348 17.53 5.09 -12.17
CA ALA A 348 18.14 5.53 -10.92
C ALA A 348 19.38 6.38 -11.21
N LEU A 349 20.15 5.98 -12.22
CA LEU A 349 21.38 6.71 -12.52
C LEU A 349 21.10 8.08 -13.14
N HIS A 350 20.10 8.15 -14.02
CA HIS A 350 19.72 9.47 -14.55
C HIS A 350 19.26 10.40 -13.44
N PHE A 351 18.50 9.85 -12.49
CA PHE A 351 18.05 10.62 -11.33
C PHE A 351 19.26 11.05 -10.48
N ASP A 352 20.14 10.10 -10.18
CA ASP A 352 21.27 10.33 -9.29
C ASP A 352 22.22 11.39 -9.86
N MET A 353 22.37 11.40 -11.18
CA MET A 353 23.26 12.37 -11.84
C MET A 353 22.76 13.83 -11.72
N SER A 354 21.46 14.03 -11.47
CA SER A 354 20.87 15.34 -11.74
C SER A 354 20.37 16.09 -10.53
N ILE A 355 20.74 15.60 -9.35
CA ILE A 355 20.35 16.27 -8.09
C ILE A 355 21.57 16.72 -7.28
N THR A 356 21.42 17.80 -6.50
CA THR A 356 22.48 18.24 -5.62
C THR A 356 22.72 17.26 -4.48
N ASN A 357 21.65 16.79 -3.84
CA ASN A 357 21.79 16.03 -2.59
C ASN A 357 21.87 14.51 -2.79
N PHE A 358 22.71 14.09 -3.73
CA PHE A 358 23.01 12.68 -3.91
C PHE A 358 23.94 12.25 -2.80
N GLY A 359 23.71 11.05 -2.24
CA GLY A 359 24.59 10.47 -1.22
C GLY A 359 25.42 9.29 -1.75
N LEU A 360 24.74 8.21 -2.12
CA LEU A 360 25.41 7.02 -2.61
C LEU A 360 24.38 6.23 -3.41
N GLN A 361 24.83 5.38 -4.31
CA GLN A 361 23.93 4.44 -5.03
C GLN A 361 24.33 3.00 -4.71
N GLU A 362 23.39 2.19 -4.25
CA GLU A 362 23.69 0.77 -4.07
C GLU A 362 23.82 0.08 -5.43
N TYR A 363 24.79 -0.83 -5.57
CA TYR A 363 24.96 -1.53 -6.86
C TYR A 363 25.31 -3.00 -6.59
N MET A 364 24.31 -3.90 -6.59
CA MET A 364 24.57 -5.35 -6.69
C MET A 364 24.67 -5.75 -8.15
N ARG A 365 25.61 -6.67 -8.45
CA ARG A 365 25.72 -7.15 -9.84
C ARG A 365 24.55 -8.03 -10.24
N HIS A 366 24.05 -7.82 -11.47
CA HIS A 366 23.12 -8.76 -12.08
C HIS A 366 23.84 -9.93 -12.74
N THR A 367 23.09 -10.98 -13.10
CA THR A 367 23.71 -12.12 -13.79
C THR A 367 23.97 -11.73 -15.26
N PRO A 368 24.88 -12.47 -15.92
CA PRO A 368 25.10 -12.22 -17.33
C PRO A 368 23.82 -12.35 -18.14
N GLU A 369 22.96 -13.31 -17.80
CA GLU A 369 21.69 -13.52 -18.52
C GLU A 369 20.78 -12.30 -18.37
N THR A 370 20.77 -11.72 -17.16
CA THR A 370 19.96 -10.54 -16.90
C THR A 370 20.49 -9.37 -17.75
N ASP A 371 21.81 -9.18 -17.79
CA ASP A 371 22.37 -8.10 -18.59
C ASP A 371 22.06 -8.26 -20.08
N ALA A 372 21.93 -9.50 -20.54
CA ALA A 372 21.69 -9.76 -21.95
C ALA A 372 20.23 -9.51 -22.27
N VAL A 373 19.35 -9.81 -21.32
CA VAL A 373 17.93 -9.52 -21.57
C VAL A 373 17.66 -8.01 -21.57
N PHE A 374 18.47 -7.28 -20.80
CA PHE A 374 18.25 -5.84 -20.63
C PHE A 374 19.50 -5.06 -21.07
N PRO A 375 19.83 -5.10 -22.36
CA PRO A 375 21.02 -4.36 -22.82
C PRO A 375 20.94 -2.88 -22.41
N HIS A 376 22.06 -2.31 -21.97
CA HIS A 376 22.05 -0.99 -21.37
C HIS A 376 23.34 -0.27 -21.66
N ALA A 377 23.26 1.07 -21.61
CA ALA A 377 24.40 1.94 -21.93
C ALA A 377 25.29 2.21 -20.71
N TYR A 378 24.73 2.03 -19.52
CA TYR A 378 25.48 2.42 -18.33
C TYR A 378 26.74 1.59 -18.11
N THR A 379 27.77 2.23 -17.55
CA THR A 379 29.07 1.61 -17.35
C THR A 379 29.58 1.85 -15.95
N PHE A 380 30.53 1.00 -15.56
CA PHE A 380 31.15 1.06 -14.25
C PHE A 380 32.65 1.25 -14.35
N SER A 381 33.17 2.24 -13.64
CA SER A 381 34.60 2.50 -13.64
CA SER A 381 34.60 2.49 -13.63
C SER A 381 34.99 3.38 -12.46
N ASP A 382 36.15 3.10 -11.88
CA ASP A 382 36.67 3.90 -10.77
C ASP A 382 35.61 4.12 -9.71
N GLY A 383 34.90 3.06 -9.32
CA GLY A 383 33.95 3.15 -8.22
C GLY A 383 32.66 3.88 -8.54
N MET A 384 32.42 4.23 -9.80
CA MET A 384 31.22 4.97 -10.14
C MET A 384 30.52 4.34 -11.34
N LEU A 385 29.19 4.45 -11.32
CA LEU A 385 28.36 4.16 -12.50
C LEU A 385 28.10 5.44 -13.24
N HIS A 386 27.90 5.34 -14.55
CA HIS A 386 27.46 6.52 -15.32
C HIS A 386 26.46 6.02 -16.33
N PRO A 387 25.34 6.72 -16.49
CA PRO A 387 24.22 6.17 -17.31
C PRO A 387 24.46 6.16 -18.81
N GLY A 388 25.52 6.85 -19.27
CA GLY A 388 25.79 6.97 -20.69
C GLY A 388 25.07 8.16 -21.26
N ASP A 389 25.16 8.36 -22.57
CA ASP A 389 24.58 9.56 -23.18
C ASP A 389 23.63 9.23 -24.35
N LYS A 390 23.12 8.01 -24.38
CA LYS A 390 22.07 7.70 -25.37
C LYS A 390 20.81 8.47 -25.09
N PRO A 391 20.00 8.67 -26.12
CA PRO A 391 18.73 9.31 -25.84
C PRO A 391 17.83 8.42 -24.97
N GLY A 392 17.04 9.05 -24.09
CA GLY A 392 16.13 8.31 -23.24
C GLY A 392 16.86 7.75 -22.03
N LEU A 393 16.46 6.57 -21.57
CA LEU A 393 17.13 5.92 -20.43
C LEU A 393 18.43 5.22 -20.79
N GLY A 394 18.58 4.82 -22.05
CA GLY A 394 19.74 4.01 -22.47
C GLY A 394 19.62 2.55 -22.03
N VAL A 395 18.41 2.00 -22.14
CA VAL A 395 18.19 0.60 -21.79
C VAL A 395 17.02 0.11 -22.62
N ASP A 396 16.95 -1.20 -22.86
CA ASP A 396 15.80 -1.81 -23.57
C ASP A 396 15.64 -3.22 -23.05
N ILE A 397 14.55 -3.88 -23.46
CA ILE A 397 14.36 -5.31 -23.21
C ILE A 397 14.41 -6.08 -24.55
N ASP A 398 15.21 -7.13 -24.59
CA ASP A 398 15.28 -8.02 -25.74
C ASP A 398 14.17 -9.04 -25.55
N GLU A 399 13.05 -8.84 -26.23
CA GLU A 399 11.88 -9.69 -26.02
C GLU A 399 12.13 -11.16 -26.39
N ASP A 400 12.93 -11.42 -27.42
CA ASP A 400 13.14 -12.80 -27.86
C ASP A 400 13.93 -13.52 -26.78
N LEU A 401 14.94 -12.84 -26.27
CA LEU A 401 15.72 -13.45 -25.23
C LEU A 401 14.91 -13.60 -23.95
N ALA A 402 14.12 -12.57 -23.60
CA ALA A 402 13.28 -12.66 -22.42
C ALA A 402 12.35 -13.88 -22.48
N ALA A 403 11.81 -14.17 -23.65
CA ALA A 403 10.91 -15.33 -23.78
C ALA A 403 11.58 -16.69 -23.55
N LYS A 404 12.91 -16.76 -23.56
CA LYS A 404 13.64 -18.00 -23.28
C LYS A 404 13.70 -18.31 -21.79
N HIS A 405 13.28 -17.36 -20.95
CA HIS A 405 13.36 -17.55 -19.50
C HIS A 405 12.02 -17.31 -18.83
N PRO A 406 11.18 -18.34 -18.73
CA PRO A 406 9.86 -18.17 -18.10
C PRO A 406 9.95 -17.85 -16.59
N TYR A 407 8.95 -17.11 -16.13
CA TYR A 407 8.70 -16.87 -14.70
C TYR A 407 8.96 -18.13 -13.85
N LYS A 408 9.57 -17.96 -12.66
CA LYS A 408 9.74 -19.08 -11.72
C LYS A 408 9.41 -18.53 -10.34
N ARG A 409 8.34 -19.03 -9.72
CA ARG A 409 7.95 -18.53 -8.40
CA ARG A 409 7.94 -18.55 -8.39
C ARG A 409 9.11 -18.59 -7.41
N ALA A 410 9.36 -17.47 -6.73
CA ALA A 410 10.43 -17.46 -5.72
C ALA A 410 10.14 -16.41 -4.67
N TYR A 411 10.23 -16.80 -3.40
CA TYR A 411 9.85 -15.93 -2.30
C TYR A 411 11.02 -15.37 -1.52
N LEU A 412 10.83 -14.19 -0.94
CA LEU A 412 11.79 -13.70 0.06
C LEU A 412 11.66 -14.58 1.32
N PRO A 413 12.73 -14.65 2.11
CA PRO A 413 12.69 -15.50 3.31
C PRO A 413 11.83 -14.88 4.41
N VAL A 414 11.56 -15.65 5.44
CA VAL A 414 10.91 -15.14 6.64
C VAL A 414 11.79 -15.40 7.86
N ASN A 415 11.46 -14.75 8.97
CA ASN A 415 12.33 -14.79 10.15
C ASN A 415 11.47 -14.90 11.39
N ARG A 416 11.85 -15.76 12.32
CA ARG A 416 11.13 -15.95 13.60
C ARG A 416 12.11 -15.87 14.78
N LEU A 417 11.63 -15.47 15.95
CA LEU A 417 12.46 -15.47 17.16
C LEU A 417 12.68 -16.90 17.65
N GLU A 418 13.53 -17.03 18.67
CA GLU A 418 13.85 -18.35 19.23
C GLU A 418 12.62 -19.13 19.73
N ASP A 419 11.61 -18.42 20.24
CA ASP A 419 10.38 -19.04 20.74
C ASP A 419 9.37 -19.27 19.63
N GLY A 420 9.73 -19.00 18.37
CA GLY A 420 8.77 -19.19 17.29
C GLY A 420 7.99 -17.95 16.84
N THR A 421 8.10 -16.86 17.60
CA THR A 421 7.35 -15.61 17.30
C THR A 421 7.64 -15.15 15.89
N MET A 422 6.59 -14.92 15.10
CA MET A 422 6.79 -14.32 13.78
C MET A 422 7.49 -12.97 13.90
N PHE A 423 8.58 -12.78 13.14
CA PHE A 423 9.40 -11.58 13.26
C PHE A 423 9.67 -11.01 11.87
N ASN A 424 10.61 -10.08 11.78
CA ASN A 424 10.91 -9.37 10.54
C ASN A 424 12.17 -9.96 9.94
N TRP A 425 12.13 -10.28 8.66
CA TRP A 425 13.31 -10.78 7.95
C TRP A 425 14.09 -9.61 7.41
N MET B 23 -5.60 -29.42 15.97
CA MET B 23 -4.97 -28.93 14.71
C MET B 23 -6.00 -28.99 13.58
N LEU B 24 -6.15 -27.90 12.85
CA LEU B 24 -7.12 -27.80 11.74
C LEU B 24 -6.31 -27.57 10.48
N LYS B 25 -5.80 -28.64 9.89
CA LYS B 25 -4.90 -28.48 8.76
C LYS B 25 -5.60 -27.91 7.53
N ILE B 26 -5.05 -26.87 6.93
CA ILE B 26 -5.66 -26.34 5.70
C ILE B 26 -5.29 -27.22 4.50
N ILE B 27 -6.30 -27.75 3.79
CA ILE B 27 -6.03 -28.60 2.61
C ILE B 27 -6.22 -27.89 1.26
N ASP B 28 -7.00 -26.82 1.22
CA ASP B 28 -7.25 -26.13 -0.02
C ASP B 28 -7.58 -24.68 0.30
N ALA B 29 -7.30 -23.79 -0.66
CA ALA B 29 -7.70 -22.41 -0.52
C ALA B 29 -7.89 -21.93 -1.95
N LYS B 30 -9.11 -21.50 -2.26
CA LYS B 30 -9.43 -21.12 -3.65
C LYS B 30 -10.00 -19.71 -3.72
N VAL B 31 -9.70 -19.01 -4.81
CA VAL B 31 -10.18 -17.65 -5.02
C VAL B 31 -11.25 -17.66 -6.09
N ILE B 32 -12.43 -17.14 -5.78
CA ILE B 32 -13.56 -17.17 -6.69
C ILE B 32 -13.94 -15.73 -7.04
N VAL B 33 -14.14 -15.48 -8.33
CA VAL B 33 -14.48 -14.17 -8.86
C VAL B 33 -15.87 -14.29 -9.48
N THR B 34 -16.77 -13.37 -9.14
CA THR B 34 -18.13 -13.42 -9.67
C THR B 34 -18.64 -11.99 -9.80
N CYS B 35 -19.63 -11.77 -10.67
CA CYS B 35 -20.15 -10.44 -10.83
C CYS B 35 -21.67 -10.45 -10.88
N PRO B 36 -22.31 -10.72 -9.72
CA PRO B 36 -23.79 -10.78 -9.64
C PRO B 36 -24.33 -9.36 -9.48
N GLY B 37 -24.07 -8.50 -10.46
CA GLY B 37 -24.46 -7.10 -10.38
C GLY B 37 -23.26 -6.15 -10.28
N ARG B 38 -22.18 -6.65 -9.68
CA ARG B 38 -20.86 -5.98 -9.63
C ARG B 38 -19.84 -7.01 -9.21
N ASN B 39 -18.55 -6.69 -9.35
CA ASN B 39 -17.50 -7.69 -9.07
C ASN B 39 -17.29 -7.94 -7.57
N PHE B 40 -17.15 -9.21 -7.21
CA PHE B 40 -16.70 -9.60 -5.86
C PHE B 40 -15.67 -10.69 -5.99
N VAL B 41 -14.66 -10.62 -5.11
CA VAL B 41 -13.67 -11.68 -5.03
C VAL B 41 -13.74 -12.32 -3.64
N THR B 42 -13.70 -13.64 -3.56
CA THR B 42 -13.89 -14.34 -2.29
C THR B 42 -12.82 -15.43 -2.18
N LEU B 43 -12.27 -15.57 -0.98
CA LEU B 43 -11.35 -16.67 -0.66
C LEU B 43 -12.13 -17.71 0.11
N LYS B 44 -12.03 -18.96 -0.30
CA LYS B 44 -12.63 -20.06 0.44
C LYS B 44 -11.55 -21.00 0.87
N ILE B 45 -11.42 -21.17 2.18
CA ILE B 45 -10.43 -22.09 2.77
C ILE B 45 -11.10 -23.37 3.25
N THR B 46 -10.52 -24.51 2.89
CA THR B 46 -11.06 -25.79 3.37
C THR B 46 -10.06 -26.47 4.25
N THR B 47 -10.54 -26.98 5.38
CA THR B 47 -9.71 -27.75 6.29
C THR B 47 -9.87 -29.26 6.14
N GLU B 48 -9.02 -30.01 6.78
CA GLU B 48 -8.94 -31.43 6.54
C GLU B 48 -10.25 -32.16 6.81
N ASP B 49 -10.93 -31.81 7.85
CA ASP B 49 -12.19 -32.50 8.12
C ASP B 49 -13.43 -31.84 7.52
N GLY B 50 -13.21 -30.90 6.60
CA GLY B 50 -14.28 -30.40 5.78
C GLY B 50 -14.85 -29.06 6.25
N ILE B 51 -14.35 -28.52 7.36
CA ILE B 51 -14.84 -27.22 7.81
C ILE B 51 -14.28 -26.16 6.89
N THR B 52 -15.15 -25.28 6.37
CA THR B 52 -14.74 -24.24 5.44
C THR B 52 -14.94 -22.86 6.00
N GLY B 53 -14.22 -21.91 5.44
CA GLY B 53 -14.41 -20.50 5.80
C GLY B 53 -14.29 -19.64 4.56
N VAL B 54 -14.99 -18.50 4.58
CA VAL B 54 -14.90 -17.55 3.48
C VAL B 54 -14.48 -16.17 3.95
N GLY B 55 -13.81 -15.46 3.05
CA GLY B 55 -13.40 -14.09 3.30
C GLY B 55 -13.49 -13.29 2.04
N ASP B 56 -13.86 -12.02 2.18
CA ASP B 56 -13.96 -11.11 1.06
C ASP B 56 -12.59 -10.51 0.75
N ALA B 57 -12.30 -10.37 -0.55
CA ALA B 57 -11.02 -9.84 -1.02
C ALA B 57 -11.23 -8.76 -2.10
N THR B 58 -12.47 -8.26 -2.21
CA THR B 58 -12.84 -7.29 -3.27
C THR B 58 -12.14 -5.93 -3.09
N LEU B 59 -11.47 -5.48 -4.15
CA LEU B 59 -10.85 -4.15 -4.14
C LEU B 59 -11.33 -3.47 -5.39
N ASN B 60 -12.37 -2.65 -5.20
CA ASN B 60 -13.12 -2.07 -6.31
C ASN B 60 -12.24 -1.38 -7.34
N GLY B 61 -12.39 -1.81 -8.60
CA GLY B 61 -11.63 -1.25 -9.71
C GLY B 61 -10.18 -1.74 -9.86
N ARG B 62 -9.71 -2.60 -8.95
CA ARG B 62 -8.38 -3.18 -9.04
C ARG B 62 -8.47 -4.64 -8.62
N GLU B 63 -9.64 -5.24 -8.86
CA GLU B 63 -9.95 -6.57 -8.31
C GLU B 63 -8.93 -7.65 -8.60
N LEU B 64 -8.42 -7.68 -9.82
CA LEU B 64 -7.64 -8.84 -10.22
C LEU B 64 -6.23 -8.82 -9.62
N SER B 65 -5.79 -7.63 -9.16
CA SER B 65 -4.48 -7.53 -8.52
CA SER B 65 -4.49 -7.52 -8.51
C SER B 65 -4.50 -8.31 -7.20
N VAL B 66 -5.61 -8.23 -6.48
CA VAL B 66 -5.78 -8.98 -5.26
C VAL B 66 -5.92 -10.50 -5.51
N VAL B 67 -6.69 -10.87 -6.53
CA VAL B 67 -6.75 -12.25 -6.98
C VAL B 67 -5.34 -12.84 -7.12
N SER B 68 -4.44 -12.13 -7.79
CA SER B 68 -3.11 -12.63 -8.03
C SER B 68 -2.30 -12.65 -6.72
N PHE B 69 -2.41 -11.58 -5.92
CA PHE B 69 -1.65 -11.48 -4.68
C PHE B 69 -1.97 -12.70 -3.81
N LEU B 70 -3.25 -13.09 -3.79
CA LEU B 70 -3.68 -14.28 -3.05
C LEU B 70 -3.24 -15.54 -3.78
N GLN B 71 -3.76 -15.78 -4.98
CA GLN B 71 -3.56 -17.11 -5.54
C GLN B 71 -2.15 -17.38 -6.04
N ASP B 72 -1.43 -16.36 -6.51
CA ASP B 72 -0.07 -16.59 -7.02
C ASP B 72 0.99 -16.55 -5.94
N HIS B 73 0.68 -15.91 -4.79
CA HIS B 73 1.70 -15.61 -3.76
C HIS B 73 1.36 -16.03 -2.34
N MET B 74 0.19 -15.65 -1.82
CA MET B 74 -0.10 -16.01 -0.43
C MET B 74 -0.55 -17.46 -0.26
N VAL B 75 -1.45 -17.92 -1.14
CA VAL B 75 -2.13 -19.20 -0.95
C VAL B 75 -1.18 -20.40 -0.81
N PRO B 76 -0.10 -20.43 -1.58
CA PRO B 76 0.76 -21.60 -1.46
C PRO B 76 1.31 -21.81 -0.03
N SER B 77 1.46 -20.74 0.75
CA SER B 77 1.92 -20.86 2.14
C SER B 77 0.80 -21.24 3.10
N LEU B 78 -0.46 -21.11 2.70
CA LEU B 78 -1.56 -21.50 3.58
C LEU B 78 -1.65 -23.01 3.72
N ILE B 79 -1.33 -23.70 2.63
CA ILE B 79 -1.54 -25.13 2.60
C ILE B 79 -0.74 -25.85 3.68
N GLY B 80 -1.41 -26.71 4.44
CA GLY B 80 -0.74 -27.46 5.48
C GLY B 80 -0.65 -26.73 6.82
N ARG B 81 -0.94 -25.43 6.85
CA ARG B 81 -0.96 -24.68 8.11
CA ARG B 81 -0.95 -24.70 8.12
C ARG B 81 -2.16 -25.01 9.00
N ASP B 82 -2.03 -24.78 10.29
CA ASP B 82 -3.10 -25.00 11.23
C ASP B 82 -3.94 -23.75 11.22
N ALA B 83 -5.20 -23.89 10.80
CA ALA B 83 -6.08 -22.71 10.71
C ALA B 83 -6.35 -22.07 12.06
N HIS B 84 -6.08 -22.77 13.15
CA HIS B 84 -6.32 -22.16 14.47
C HIS B 84 -5.43 -20.97 14.72
N GLN B 85 -4.28 -20.90 14.03
CA GLN B 85 -3.25 -19.90 14.34
C GLN B 85 -3.54 -18.59 13.61
N ILE B 86 -4.61 -17.93 14.02
CA ILE B 86 -5.05 -16.75 13.29
C ILE B 86 -4.01 -15.61 13.30
N GLU B 87 -3.56 -15.25 14.50
CA GLU B 87 -2.62 -14.15 14.66
C GLU B 87 -1.28 -14.49 14.01
N ASP B 88 -0.83 -15.75 14.16
CA ASP B 88 0.47 -16.07 13.57
C ASP B 88 0.41 -16.01 12.03
N ILE B 89 -0.67 -16.53 11.45
CA ILE B 89 -0.87 -16.42 10.01
C ILE B 89 -0.94 -14.94 9.59
N TRP B 90 -1.63 -14.13 10.39
CA TRP B 90 -1.73 -12.70 10.09
C TRP B 90 -0.35 -12.09 10.03
N GLN B 91 0.45 -12.32 11.07
CA GLN B 91 1.81 -11.75 11.13
C GLN B 91 2.69 -12.33 10.04
N PHE B 92 2.54 -13.63 9.76
CA PHE B 92 3.30 -14.28 8.70
C PHE B 92 3.14 -13.53 7.38
N PHE B 93 1.89 -13.27 6.99
CA PHE B 93 1.66 -12.52 5.75
C PHE B 93 1.96 -11.03 5.80
N TYR B 94 1.62 -10.37 6.91
CA TYR B 94 1.92 -8.95 7.02
C TYR B 94 3.44 -8.69 6.98
N ARG B 95 4.20 -9.39 7.82
CA ARG B 95 5.64 -9.19 7.85
C ARG B 95 6.33 -9.92 6.73
N GLY B 96 5.79 -11.08 6.36
CA GLY B 96 6.50 -11.92 5.39
C GLY B 96 6.54 -11.37 3.98
N SER B 97 5.60 -10.50 3.64
CA SER B 97 5.56 -9.95 2.29
C SER B 97 6.78 -9.04 2.03
N TYR B 98 7.45 -8.63 3.12
CA TYR B 98 8.60 -7.71 3.10
C TYR B 98 8.22 -6.23 2.86
N TRP B 99 7.52 -6.01 1.74
CA TRP B 99 6.97 -4.70 1.38
C TRP B 99 5.81 -4.66 2.29
N ARG B 100 5.54 -3.56 2.90
CA ARG B 100 4.55 -3.71 4.00
CA ARG B 100 4.55 -3.69 3.95
C ARG B 100 3.26 -2.94 3.75
N GLY B 101 2.16 -3.63 4.00
CA GLY B 101 0.87 -3.00 3.90
C GLY B 101 0.52 -2.62 2.46
N GLY B 102 -0.36 -1.63 2.38
CA GLY B 102 -0.87 -1.15 1.12
C GLY B 102 -2.24 -1.78 0.89
N PRO B 103 -3.09 -1.14 0.07
CA PRO B 103 -4.45 -1.66 -0.09
C PRO B 103 -4.54 -3.08 -0.69
N VAL B 104 -3.66 -3.41 -1.64
CA VAL B 104 -3.67 -4.74 -2.24
C VAL B 104 -3.33 -5.81 -1.20
N ALA B 105 -2.20 -5.63 -0.53
CA ALA B 105 -1.76 -6.58 0.45
C ALA B 105 -2.71 -6.72 1.63
N MET B 106 -3.23 -5.59 2.11
CA MET B 106 -4.07 -5.66 3.30
C MET B 106 -5.45 -6.20 3.02
N THR B 107 -5.95 -5.98 1.80
CA THR B 107 -7.23 -6.58 1.39
C THR B 107 -7.09 -8.11 1.22
N ALA B 108 -5.97 -8.55 0.62
CA ALA B 108 -5.73 -9.97 0.51
C ALA B 108 -5.63 -10.58 1.90
N LEU B 109 -4.89 -9.92 2.80
CA LEU B 109 -4.79 -10.41 4.17
C LEU B 109 -6.16 -10.44 4.86
N ALA B 110 -6.97 -9.41 4.65
CA ALA B 110 -8.33 -9.39 5.21
C ALA B 110 -9.11 -10.67 4.86
N ALA B 111 -9.00 -11.10 3.60
CA ALA B 111 -9.78 -12.26 3.13
C ALA B 111 -9.35 -13.51 3.90
N VAL B 112 -8.05 -13.66 4.13
CA VAL B 112 -7.55 -14.81 4.89
C VAL B 112 -8.08 -14.72 6.33
N ASP B 113 -7.93 -13.55 6.92
CA ASP B 113 -8.33 -13.36 8.31
C ASP B 113 -9.83 -13.68 8.53
N MET B 114 -10.69 -13.13 7.69
CA MET B 114 -12.12 -13.38 7.77
C MET B 114 -12.42 -14.88 7.69
N ALA B 115 -11.79 -15.57 6.73
CA ALA B 115 -12.04 -17.01 6.55
C ALA B 115 -11.58 -17.79 7.79
N LEU B 116 -10.46 -17.39 8.38
CA LEU B 116 -9.98 -18.06 9.57
C LEU B 116 -10.87 -17.83 10.81
N TRP B 117 -11.40 -16.61 10.95
CA TRP B 117 -12.36 -16.39 12.03
C TRP B 117 -13.62 -17.19 11.80
N ASP B 118 -14.03 -17.30 10.54
CA ASP B 118 -15.26 -18.06 10.19
C ASP B 118 -15.06 -19.50 10.67
N ILE B 119 -13.92 -20.08 10.26
CA ILE B 119 -13.52 -21.43 10.72
C ILE B 119 -13.47 -21.56 12.25
N LYS B 120 -12.85 -20.59 12.94
CA LYS B 120 -12.75 -20.63 14.41
C LYS B 120 -14.15 -20.75 14.99
N GLY B 121 -15.06 -19.89 14.54
CA GLY B 121 -16.44 -19.90 15.06
C GLY B 121 -17.11 -21.26 14.82
N LYS B 122 -16.89 -21.83 13.64
CA LYS B 122 -17.49 -23.14 13.35
C LYS B 122 -16.94 -24.22 14.28
N VAL B 123 -15.62 -24.22 14.50
CA VAL B 123 -15.03 -25.18 15.44
C VAL B 123 -15.59 -24.98 16.83
N ALA B 124 -15.78 -23.72 17.23
CA ALA B 124 -16.26 -23.41 18.58
C ALA B 124 -17.75 -23.62 18.72
N GLY B 125 -18.44 -23.79 17.59
CA GLY B 125 -19.90 -23.88 17.60
C GLY B 125 -20.57 -22.56 18.01
N LEU B 126 -19.94 -21.41 17.68
CA LEU B 126 -20.45 -20.10 18.12
C LEU B 126 -20.34 -19.08 17.01
N PRO B 127 -21.26 -18.09 16.99
CA PRO B 127 -21.08 -16.96 16.06
C PRO B 127 -19.82 -16.17 16.40
N VAL B 128 -19.19 -15.57 15.40
CA VAL B 128 -17.88 -14.98 15.62
C VAL B 128 -17.94 -13.91 16.73
N TYR B 129 -19.05 -13.15 16.83
CA TYR B 129 -19.09 -12.08 17.85
C TYR B 129 -18.95 -12.62 19.26
N GLN B 130 -19.35 -13.88 19.47
CA GLN B 130 -19.23 -14.50 20.79
C GLN B 130 -17.79 -14.73 21.19
N LEU B 131 -16.88 -14.77 20.20
CA LEU B 131 -15.45 -14.95 20.45
C LEU B 131 -14.71 -13.67 20.71
N LEU B 132 -15.30 -12.54 20.33
CA LEU B 132 -14.64 -11.25 20.33
C LEU B 132 -15.04 -10.39 21.52
N GLY B 133 -15.82 -10.96 22.44
CA GLY B 133 -16.31 -10.15 23.54
C GLY B 133 -17.79 -10.32 23.85
N GLY B 134 -18.54 -10.95 22.92
CA GLY B 134 -19.97 -11.11 23.14
C GLY B 134 -20.73 -9.85 22.74
N ALA B 135 -22.07 -9.91 22.86
CA ALA B 135 -22.96 -8.82 22.43
C ALA B 135 -22.83 -7.62 23.35
N CYS B 136 -22.56 -6.46 22.77
CA CYS B 136 -22.55 -5.20 23.51
C CYS B 136 -23.79 -4.29 23.26
N ARG B 137 -24.75 -4.79 22.47
CA ARG B 137 -25.90 -3.98 22.02
C ARG B 137 -26.92 -4.95 21.42
N THR B 138 -28.13 -4.49 21.17
CA THR B 138 -29.19 -5.37 20.66
C THR B 138 -29.10 -5.60 19.16
N GLY B 139 -28.46 -4.67 18.48
CA GLY B 139 -28.28 -4.77 17.04
C GLY B 139 -27.36 -3.63 16.62
N VAL B 140 -27.14 -3.51 15.31
CA VAL B 140 -26.13 -2.61 14.75
C VAL B 140 -26.81 -1.52 13.96
N THR B 141 -26.83 -0.31 14.51
CA THR B 141 -27.54 0.77 13.86
C THR B 141 -26.86 1.15 12.55
N VAL B 142 -27.64 1.30 11.47
CA VAL B 142 -27.09 1.61 10.15
C VAL B 142 -27.47 2.98 9.67
N TYR B 143 -26.80 3.45 8.62
CA TYR B 143 -27.32 4.55 7.84
C TYR B 143 -27.57 4.15 6.42
N GLY B 144 -28.56 4.84 5.82
CA GLY B 144 -29.02 4.66 4.42
C GLY B 144 -28.55 5.84 3.56
N HIS B 145 -28.93 5.83 2.28
CA HIS B 145 -28.27 6.67 1.28
C HIS B 145 -29.23 7.43 0.44
N ALA B 146 -29.61 8.59 0.94
CA ALA B 146 -30.52 9.42 0.18
C ALA B 146 -29.79 10.31 -0.81
N ASN B 147 -30.26 10.33 -2.05
CA ASN B 147 -29.62 11.21 -3.03
C ASN B 147 -30.60 11.72 -4.06
N GLY B 148 -30.28 12.85 -4.65
CA GLY B 148 -31.04 13.34 -5.75
C GLY B 148 -30.37 14.53 -6.40
N GLU B 149 -30.87 14.90 -7.56
CA GLU B 149 -30.29 15.98 -8.33
C GLU B 149 -30.52 17.35 -7.68
N THR B 150 -31.73 17.58 -7.17
CA THR B 150 -32.03 18.84 -6.51
C THR B 150 -32.17 18.57 -5.02
N ILE B 151 -32.19 19.64 -4.22
CA ILE B 151 -32.42 19.47 -2.77
C ILE B 151 -33.77 18.78 -2.51
N GLU B 152 -34.80 19.18 -3.22
CA GLU B 152 -36.11 18.61 -2.96
C GLU B 152 -36.09 17.13 -3.30
N ASP B 153 -35.34 16.76 -4.33
CA ASP B 153 -35.22 15.32 -4.66
C ASP B 153 -34.55 14.54 -3.55
N THR B 154 -33.45 15.07 -3.03
CA THR B 154 -32.75 14.39 -1.96
C THR B 154 -33.65 14.24 -0.73
N ILE B 155 -34.36 15.31 -0.36
CA ILE B 155 -35.18 15.29 0.84
C ILE B 155 -36.34 14.30 0.68
N ALA B 156 -36.92 14.23 -0.52
CA ALA B 156 -37.96 13.22 -0.79
C ALA B 156 -37.45 11.79 -0.54
N GLU B 157 -36.20 11.54 -0.96
CA GLU B 157 -35.57 10.25 -0.64
C GLU B 157 -35.35 10.04 0.85
N ALA B 158 -34.90 11.09 1.55
CA ALA B 158 -34.70 10.96 2.98
C ALA B 158 -35.99 10.67 3.71
N VAL B 159 -37.08 11.32 3.28
CA VAL B 159 -38.42 11.01 3.82
C VAL B 159 -38.73 9.50 3.70
N LYS B 160 -38.40 8.93 2.54
CA LYS B 160 -38.53 7.48 2.34
C LYS B 160 -37.68 6.68 3.34
N TYR B 161 -36.43 7.07 3.56
CA TYR B 161 -35.62 6.30 4.47
C TYR B 161 -36.15 6.37 5.91
N LYS B 162 -36.63 7.55 6.31
CA LYS B 162 -37.24 7.72 7.62
C LYS B 162 -38.49 6.80 7.75
N ALA B 163 -39.28 6.75 6.68
CA ALA B 163 -40.46 5.86 6.65
C ALA B 163 -40.07 4.38 6.71
N MET B 164 -38.89 4.06 6.23
CA MET B 164 -38.41 2.68 6.26
C MET B 164 -37.74 2.33 7.61
N GLY B 165 -37.77 3.25 8.58
CA GLY B 165 -37.21 2.98 9.91
C GLY B 165 -35.72 3.25 10.12
N TYR B 166 -35.09 3.94 9.19
CA TYR B 166 -33.68 4.25 9.35
C TYR B 166 -33.55 5.30 10.42
N LYS B 167 -32.57 5.12 11.30
CA LYS B 167 -32.31 6.09 12.35
C LYS B 167 -31.29 7.14 11.89
N ALA B 168 -30.61 6.85 10.79
CA ALA B 168 -29.50 7.68 10.30
C ALA B 168 -29.57 7.64 8.80
N ILE B 169 -29.33 8.79 8.19
CA ILE B 169 -29.42 8.88 6.74
C ILE B 169 -28.31 9.79 6.22
N ARG B 170 -27.58 9.33 5.21
CA ARG B 170 -26.63 10.21 4.50
C ARG B 170 -27.37 10.99 3.39
N LEU B 171 -27.13 12.29 3.26
CA LEU B 171 -27.69 13.09 2.19
C LEU B 171 -26.62 13.58 1.22
N GLN B 172 -26.84 13.36 -0.07
CA GLN B 172 -25.98 13.90 -1.11
C GLN B 172 -26.93 14.48 -2.15
N THR B 173 -26.51 15.58 -2.78
CA THR B 173 -27.39 16.29 -3.71
C THR B 173 -26.55 16.89 -4.84
N GLY B 174 -27.18 17.14 -5.99
CA GLY B 174 -26.45 17.74 -7.11
C GLY B 174 -25.87 19.12 -6.74
N VAL B 175 -24.75 19.48 -7.37
CA VAL B 175 -24.20 20.81 -7.21
C VAL B 175 -24.75 21.66 -8.33
N PRO B 176 -25.40 22.79 -7.98
CA PRO B 176 -25.92 23.63 -9.06
C PRO B 176 -24.78 24.12 -9.94
N GLY B 177 -24.95 23.99 -11.27
CA GLY B 177 -23.89 24.35 -12.20
C GLY B 177 -22.84 23.28 -12.50
N LEU B 178 -22.96 22.08 -11.91
CA LEU B 178 -22.12 20.93 -12.31
C LEU B 178 -23.02 19.81 -12.80
N ALA B 179 -22.61 19.16 -13.89
CA ALA B 179 -23.38 18.06 -14.47
C ALA B 179 -23.48 16.84 -13.55
N SER B 180 -22.43 16.58 -12.76
CA SER B 180 -22.43 15.39 -11.90
C SER B 180 -21.66 15.65 -10.61
N THR B 181 -21.97 14.88 -9.57
CA THR B 181 -21.19 15.00 -8.35
C THR B 181 -21.20 13.63 -7.62
N TYR B 182 -20.39 13.49 -6.58
CA TYR B 182 -20.36 12.22 -5.87
C TYR B 182 -21.74 11.84 -5.29
N GLY B 183 -22.12 10.57 -5.49
CA GLY B 183 -23.21 9.98 -4.70
C GLY B 183 -24.60 10.25 -5.19
N VAL B 184 -24.71 10.93 -6.34
CA VAL B 184 -26.00 11.23 -6.98
C VAL B 184 -26.14 10.44 -8.29
N SER B 185 -27.19 9.62 -8.37
CA SER B 185 -27.42 8.78 -9.55
C SER B 185 -28.86 8.29 -9.56
N LYS B 186 -29.20 7.45 -10.53
CA LYS B 186 -30.53 6.87 -10.62
C LYS B 186 -30.78 5.82 -9.55
N ASP B 187 -29.73 5.33 -8.91
CA ASP B 187 -29.92 4.30 -7.89
C ASP B 187 -30.21 4.99 -6.56
N LYS B 188 -31.14 4.41 -5.81
CA LYS B 188 -31.65 5.10 -4.63
C LYS B 188 -31.42 4.39 -3.27
N MET B 189 -31.44 3.05 -3.26
CA MET B 189 -31.16 2.25 -2.06
C MET B 189 -29.65 1.97 -1.92
N PHE B 190 -28.90 2.41 -2.92
CA PHE B 190 -27.44 2.20 -2.98
C PHE B 190 -26.91 3.15 -4.02
N TYR B 191 -25.61 3.10 -4.26
CA TYR B 191 -24.93 3.96 -5.22
C TYR B 191 -23.84 3.06 -5.79
N GLU B 192 -23.75 2.92 -7.11
CA GLU B 192 -22.82 1.95 -7.71
C GLU B 192 -21.96 2.69 -8.75
N PRO B 193 -20.93 3.40 -8.26
CA PRO B 193 -20.19 4.33 -9.15
C PRO B 193 -19.26 3.66 -10.17
N ALA B 194 -18.77 2.46 -9.87
CA ALA B 194 -17.95 1.75 -10.83
C ALA B 194 -18.82 1.21 -12.00
N ASP B 195 -19.04 2.08 -12.99
CA ASP B 195 -20.15 1.92 -13.94
C ASP B 195 -19.70 1.82 -15.39
N ASN B 196 -18.39 1.78 -15.62
CA ASN B 196 -17.90 1.76 -17.01
C ASN B 196 -16.61 0.99 -17.20
N ASP B 197 -16.37 0.55 -18.44
CA ASP B 197 -15.16 -0.25 -18.72
C ASP B 197 -13.90 0.58 -19.00
N LEU B 198 -14.02 1.91 -18.92
CA LEU B 198 -12.88 2.79 -18.62
C LEU B 198 -13.44 3.81 -17.64
N PRO B 199 -12.59 4.44 -16.81
CA PRO B 199 -13.14 5.33 -15.79
C PRO B 199 -13.97 6.47 -16.37
N THR B 200 -15.20 6.65 -15.87
CA THR B 200 -16.02 7.82 -16.22
C THR B 200 -15.40 9.10 -15.72
N GLU B 201 -15.33 10.11 -16.60
CA GLU B 201 -14.68 11.39 -16.32
C GLU B 201 -15.72 12.40 -15.79
N ASN B 202 -15.39 13.06 -14.67
CA ASN B 202 -16.24 14.14 -14.15
C ASN B 202 -15.47 15.43 -14.04
N ILE B 203 -16.21 16.53 -13.91
CA ILE B 203 -15.70 17.88 -13.74
C ILE B 203 -16.17 18.45 -12.40
N TRP B 204 -15.27 19.16 -11.72
CA TRP B 204 -15.53 19.65 -10.38
C TRP B 204 -15.26 21.12 -10.20
N SER B 205 -16.09 21.77 -9.39
CA SER B 205 -15.81 23.11 -8.87
C SER B 205 -16.02 23.12 -7.36
N THR B 206 -14.96 23.36 -6.59
CA THR B 206 -15.08 23.44 -5.14
C THR B 206 -15.99 24.60 -4.70
N ALA B 207 -15.79 25.77 -5.29
CA ALA B 207 -16.60 26.93 -4.92
C ALA B 207 -18.12 26.69 -5.10
N LYS B 208 -18.51 26.11 -6.25
CA LYS B 208 -19.92 25.83 -6.51
C LYS B 208 -20.53 24.94 -5.42
N TYR B 209 -19.76 23.97 -4.96
CA TYR B 209 -20.17 23.07 -3.89
C TYR B 209 -20.24 23.78 -2.53
N LEU B 210 -19.15 24.45 -2.14
CA LEU B 210 -19.18 25.16 -0.84
C LEU B 210 -20.34 26.15 -0.69
N ASN B 211 -20.72 26.82 -1.79
CA ASN B 211 -21.78 27.83 -1.76
C ASN B 211 -23.18 27.25 -1.74
N SER B 212 -23.29 25.94 -1.92
CA SER B 212 -24.61 25.36 -2.17
C SER B 212 -25.00 24.27 -1.18
N VAL B 213 -24.06 23.44 -0.74
CA VAL B 213 -24.45 22.27 0.03
C VAL B 213 -25.05 22.53 1.43
N PRO B 214 -24.65 23.62 2.12
CA PRO B 214 -25.33 23.84 3.42
C PRO B 214 -26.87 23.96 3.33
N LYS B 215 -27.41 24.44 2.21
CA LYS B 215 -28.86 24.62 2.08
C LYS B 215 -29.56 23.28 2.15
N LEU B 216 -28.87 22.22 1.71
CA LEU B 216 -29.40 20.86 1.76
C LEU B 216 -29.77 20.53 3.20
N PHE B 217 -28.86 20.83 4.12
CA PHE B 217 -29.04 20.45 5.52
C PHE B 217 -30.00 21.36 6.26
N GLU B 218 -30.04 22.64 5.87
CA GLU B 218 -31.12 23.51 6.36
C GLU B 218 -32.50 22.95 6.05
N ARG B 219 -32.71 22.59 4.78
CA ARG B 219 -34.01 22.06 4.36
C ARG B 219 -34.30 20.70 5.02
N ALA B 220 -33.27 19.86 5.11
CA ALA B 220 -33.46 18.55 5.72
C ALA B 220 -33.98 18.68 7.16
N ARG B 221 -33.42 19.59 7.93
CA ARG B 221 -33.89 19.76 9.30
C ARG B 221 -35.35 20.27 9.36
N GLU B 222 -35.72 21.18 8.45
CA GLU B 222 -37.09 21.68 8.39
C GLU B 222 -38.06 20.53 8.15
N VAL B 223 -37.71 19.62 7.24
CA VAL B 223 -38.66 18.55 6.87
C VAL B 223 -38.59 17.36 7.81
N LEU B 224 -37.36 16.93 8.14
CA LEU B 224 -37.13 15.65 8.84
C LEU B 224 -37.06 15.77 10.35
N GLY B 225 -36.86 16.99 10.85
CA GLY B 225 -36.68 17.18 12.28
C GLY B 225 -35.28 16.85 12.78
N TRP B 226 -35.18 16.79 14.12
CA TRP B 226 -33.91 16.79 14.79
C TRP B 226 -33.53 15.49 15.44
N ASP B 227 -34.37 14.47 15.37
CA ASP B 227 -33.99 13.20 16.05
C ASP B 227 -33.21 12.26 15.14
N VAL B 228 -33.48 12.35 13.84
CA VAL B 228 -32.83 11.47 12.87
C VAL B 228 -31.36 11.94 12.75
N HIS B 229 -30.41 11.01 12.61
CA HIS B 229 -29.03 11.40 12.42
C HIS B 229 -28.77 11.64 10.94
N LEU B 230 -28.10 12.73 10.60
CA LEU B 230 -27.85 13.11 9.20
C LEU B 230 -26.37 13.17 8.96
N LEU B 231 -25.94 12.60 7.83
CA LEU B 231 -24.53 12.44 7.54
C LEU B 231 -24.21 13.00 6.16
N HIS B 232 -22.94 13.31 5.90
CA HIS B 232 -22.55 13.81 4.58
C HIS B 232 -21.16 13.39 4.25
N ASP B 233 -20.96 12.92 3.02
CA ASP B 233 -19.63 12.50 2.53
C ASP B 233 -19.12 13.55 1.56
N VAL B 234 -18.05 14.24 1.95
CA VAL B 234 -17.39 15.27 1.11
C VAL B 234 -16.58 14.62 0.01
N HIS B 235 -16.14 13.39 0.26
CA HIS B 235 -15.48 12.59 -0.77
C HIS B 235 -14.23 13.24 -1.36
N HIS B 236 -13.37 13.75 -0.47
CA HIS B 236 -11.97 14.06 -0.75
C HIS B 236 -11.68 15.32 -1.51
N ARG B 237 -12.67 16.20 -1.60
CA ARG B 237 -12.63 17.31 -2.54
C ARG B 237 -12.20 18.69 -2.02
N LEU B 238 -11.91 18.79 -0.72
CA LEU B 238 -11.58 20.09 -0.10
C LEU B 238 -10.14 20.13 0.42
N THR B 239 -9.67 21.33 0.69
CA THR B 239 -8.47 21.53 1.48
C THR B 239 -8.89 21.74 2.92
N PRO B 240 -7.95 21.66 3.85
CA PRO B 240 -8.37 21.80 5.24
C PRO B 240 -9.08 23.12 5.55
N ILE B 241 -8.58 24.27 5.06
CA ILE B 241 -9.26 25.52 5.42
C ILE B 241 -10.67 25.59 4.79
N GLU B 242 -10.89 24.89 3.68
CA GLU B 242 -12.22 24.80 3.05
C GLU B 242 -13.12 23.87 3.87
N ALA B 243 -12.56 22.75 4.32
CA ALA B 243 -13.33 21.84 5.15
C ALA B 243 -13.67 22.49 6.48
N ALA B 244 -12.73 23.28 7.03
CA ALA B 244 -13.06 24.08 8.22
C ALA B 244 -14.28 24.98 8.02
N ARG B 245 -14.28 25.74 6.91
CA ARG B 245 -15.45 26.56 6.57
C ARG B 245 -16.72 25.73 6.41
N LEU B 246 -16.65 24.61 5.69
CA LEU B 246 -17.88 23.81 5.44
C LEU B 246 -18.43 23.28 6.77
N GLY B 247 -17.51 22.84 7.64
CA GLY B 247 -17.93 22.32 8.94
C GLY B 247 -18.63 23.40 9.74
N LYS B 248 -18.09 24.63 9.72
CA LYS B 248 -18.74 25.73 10.45
C LYS B 248 -20.13 25.98 9.85
N ASP B 249 -20.22 26.02 8.53
CA ASP B 249 -21.51 26.30 7.89
C ASP B 249 -22.55 25.25 8.20
N LEU B 250 -22.10 24.04 8.54
CA LEU B 250 -23.02 22.94 8.81
C LEU B 250 -23.33 22.78 10.29
N GLU B 251 -22.61 23.48 11.17
CA GLU B 251 -22.87 23.39 12.61
C GLU B 251 -24.36 23.55 13.01
N PRO B 252 -25.10 24.50 12.41
CA PRO B 252 -26.47 24.72 12.86
C PRO B 252 -27.34 23.48 12.69
N TYR B 253 -26.93 22.57 11.79
CA TYR B 253 -27.78 21.38 11.48
C TYR B 253 -27.34 20.11 12.20
N ARG B 254 -26.30 20.21 13.04
CA ARG B 254 -25.95 19.12 13.94
C ARG B 254 -25.80 17.78 13.22
N LEU B 255 -24.87 17.71 12.25
CA LEU B 255 -24.62 16.47 11.53
C LEU B 255 -24.02 15.42 12.43
N PHE B 256 -24.33 14.16 12.15
CA PHE B 256 -23.69 13.04 12.85
C PHE B 256 -22.17 12.97 12.52
N TRP B 257 -21.85 13.13 11.24
CA TRP B 257 -20.47 13.32 10.82
C TRP B 257 -20.39 13.94 9.47
N LEU B 258 -19.23 14.54 9.24
CA LEU B 258 -18.80 15.07 7.95
C LEU B 258 -17.60 14.23 7.53
N GLU B 259 -17.74 13.49 6.43
CA GLU B 259 -16.81 12.42 6.05
C GLU B 259 -15.82 12.73 4.93
N ASP B 260 -14.58 12.29 5.10
CA ASP B 260 -13.52 12.35 4.10
C ASP B 260 -13.43 13.78 3.52
N SER B 261 -13.40 14.76 4.40
CA SER B 261 -13.43 16.13 3.89
C SER B 261 -12.18 16.52 3.07
N VAL B 262 -11.03 15.96 3.42
CA VAL B 262 -9.77 16.26 2.74
CA VAL B 262 -9.74 16.27 2.79
C VAL B 262 -8.96 14.96 2.65
N PRO B 263 -8.15 14.81 1.58
CA PRO B 263 -7.33 13.62 1.47
C PRO B 263 -6.45 13.61 2.73
N ALA B 264 -6.28 12.42 3.29
CA ALA B 264 -5.74 12.30 4.65
C ALA B 264 -4.30 11.81 4.75
N GLU B 265 -3.58 11.74 3.64
CA GLU B 265 -2.18 11.29 3.75
C GLU B 265 -1.39 12.19 4.68
N ASN B 266 -1.61 13.50 4.57
CA ASN B 266 -1.06 14.44 5.55
C ASN B 266 -2.06 14.48 6.69
N GLN B 267 -1.81 13.67 7.71
CA GLN B 267 -2.80 13.62 8.80
C GLN B 267 -2.94 14.93 9.57
N ALA B 268 -1.87 15.69 9.64
CA ALA B 268 -1.94 16.99 10.29
C ALA B 268 -2.89 17.97 9.63
N GLY B 269 -3.29 17.65 8.40
CA GLY B 269 -4.28 18.47 7.69
C GLY B 269 -5.56 18.63 8.53
N PHE B 270 -5.89 17.62 9.33
CA PHE B 270 -7.14 17.70 10.09
C PHE B 270 -7.03 18.67 11.27
N ARG B 271 -5.82 19.06 11.64
CA ARG B 271 -5.66 20.00 12.77
C ARG B 271 -6.40 21.31 12.49
N LEU B 272 -6.32 21.83 11.25
CA LEU B 272 -6.98 23.10 10.94
C LEU B 272 -8.48 22.92 10.99
N ILE B 273 -8.96 21.75 10.57
CA ILE B 273 -10.41 21.56 10.55
C ILE B 273 -10.90 21.61 11.99
N ARG B 274 -10.19 20.88 12.85
CA ARG B 274 -10.57 20.66 14.24
C ARG B 274 -10.51 21.98 15.02
N GLN B 275 -9.59 22.85 14.63
CA GLN B 275 -9.44 24.13 15.29
CA GLN B 275 -9.40 24.16 15.24
C GLN B 275 -10.59 25.08 15.01
N HIS B 276 -11.34 24.86 13.92
CA HIS B 276 -12.35 25.83 13.50
C HIS B 276 -13.76 25.39 13.58
N THR B 277 -14.01 24.09 13.63
CA THR B 277 -15.40 23.61 13.63
C THR B 277 -15.67 22.53 14.66
N THR B 278 -16.90 22.49 15.16
CA THR B 278 -17.33 21.44 16.07
C THR B 278 -18.17 20.37 15.34
N THR B 279 -18.38 20.52 14.04
CA THR B 279 -19.04 19.43 13.30
C THR B 279 -18.15 18.17 13.42
N PRO B 280 -18.76 17.04 13.84
CA PRO B 280 -17.98 15.83 14.04
C PRO B 280 -17.38 15.34 12.72
N LEU B 281 -16.18 14.76 12.80
CA LEU B 281 -15.44 14.38 11.59
C LEU B 281 -15.23 12.87 11.49
N ALA B 282 -15.39 12.35 10.26
CA ALA B 282 -15.13 10.93 10.03
C ALA B 282 -14.17 10.84 8.86
N VAL B 283 -13.35 9.79 8.85
CA VAL B 283 -12.46 9.54 7.71
C VAL B 283 -12.03 8.08 7.74
N GLY B 284 -11.66 7.52 6.57
CA GLY B 284 -10.81 6.33 6.60
C GLY B 284 -11.25 5.10 5.83
N GLU B 285 -12.29 5.19 5.02
CA GLU B 285 -12.74 4.01 4.29
C GLU B 285 -11.60 3.41 3.46
N ILE B 286 -10.68 4.26 2.99
CA ILE B 286 -9.58 3.73 2.14
C ILE B 286 -8.35 3.25 2.93
N PHE B 287 -8.37 3.45 4.24
CA PHE B 287 -7.18 3.14 5.04
C PHE B 287 -6.83 1.65 5.02
N ALA B 288 -5.54 1.34 4.89
CA ALA B 288 -5.05 -0.03 4.82
C ALA B 288 -4.51 -0.55 6.16
N HIS B 289 -4.11 0.34 7.06
CA HIS B 289 -3.49 -0.09 8.32
C HIS B 289 -3.63 1.01 9.36
N VAL B 290 -3.31 0.67 10.60
CA VAL B 290 -3.43 1.59 11.72
C VAL B 290 -2.64 2.88 11.45
N TRP B 291 -1.51 2.72 10.75
CA TRP B 291 -0.58 3.86 10.57
C TRP B 291 -1.25 4.98 9.80
N ASP B 292 -2.23 4.66 8.94
CA ASP B 292 -2.95 5.71 8.19
C ASP B 292 -3.82 6.60 9.09
N ALA B 293 -4.08 6.14 10.30
CA ALA B 293 -4.97 6.84 11.22
C ALA B 293 -4.33 7.23 12.54
N LYS B 294 -3.06 6.87 12.75
CA LYS B 294 -2.51 6.99 14.08
C LYS B 294 -2.45 8.41 14.61
N GLN B 295 -2.03 9.33 13.75
CA GLN B 295 -1.95 10.71 14.14
C GLN B 295 -3.35 11.31 14.34
N LEU B 296 -4.25 10.99 13.40
CA LEU B 296 -5.63 11.42 13.47
C LEU B 296 -6.28 11.03 14.78
N ILE B 297 -6.06 9.78 15.19
CA ILE B 297 -6.63 9.27 16.45
C ILE B 297 -5.93 9.87 17.69
N GLU B 298 -4.59 9.82 17.71
CA GLU B 298 -3.84 10.20 18.92
C GLU B 298 -3.95 11.71 19.25
N GLU B 299 -4.21 12.54 18.23
CA GLU B 299 -4.43 13.98 18.44
C GLU B 299 -5.91 14.35 18.53
N GLN B 300 -6.80 13.34 18.65
CA GLN B 300 -8.26 13.55 18.74
C GLN B 300 -8.76 14.43 17.61
N LEU B 301 -8.34 14.13 16.37
CA LEU B 301 -8.71 14.96 15.24
C LEU B 301 -9.97 14.50 14.56
N ILE B 302 -10.43 13.30 14.89
CA ILE B 302 -11.63 12.76 14.28
C ILE B 302 -12.51 12.14 15.37
N ASP B 303 -13.78 11.91 15.03
CA ASP B 303 -14.75 11.31 15.94
C ASP B 303 -15.14 9.90 15.54
N TYR B 304 -15.04 9.60 14.24
CA TYR B 304 -15.39 8.27 13.72
C TYR B 304 -14.31 7.79 12.76
N LEU B 305 -13.88 6.53 12.95
CA LEU B 305 -12.94 5.92 12.01
C LEU B 305 -13.70 5.00 11.05
N ARG B 306 -13.50 5.20 9.73
CA ARG B 306 -14.34 4.55 8.70
C ARG B 306 -13.71 3.28 8.17
N ALA B 307 -12.53 2.98 8.65
CA ALA B 307 -11.76 1.82 8.17
C ALA B 307 -12.54 0.52 8.36
N THR B 308 -12.32 -0.45 7.47
CA THR B 308 -13.13 -1.67 7.50
C THR B 308 -12.35 -2.95 7.69
N VAL B 309 -13.07 -4.00 8.08
CA VAL B 309 -12.44 -5.33 8.13
C VAL B 309 -11.91 -5.75 6.76
N LEU B 310 -12.50 -5.22 5.69
CA LEU B 310 -12.09 -5.60 4.33
C LEU B 310 -10.80 -4.93 3.91
N HIS B 311 -10.70 -3.62 4.08
CA HIS B 311 -9.52 -2.93 3.48
C HIS B 311 -8.38 -2.63 4.44
N ALA B 312 -8.62 -2.85 5.72
CA ALA B 312 -7.61 -2.65 6.75
C ALA B 312 -7.18 -3.97 7.47
N GLY B 313 -7.22 -5.11 6.77
CA GLY B 313 -6.55 -6.31 7.27
C GLY B 313 -7.34 -7.19 8.23
N GLY B 314 -8.69 -7.15 8.12
CA GLY B 314 -9.51 -8.14 8.79
C GLY B 314 -10.00 -7.79 10.21
N ILE B 315 -10.73 -8.72 10.81
CA ILE B 315 -11.19 -8.58 12.19
C ILE B 315 -9.99 -8.45 13.15
N THR B 316 -8.96 -9.26 12.92
CA THR B 316 -7.80 -9.25 13.80
C THR B 316 -7.25 -7.82 13.95
N ASN B 317 -7.04 -7.15 12.82
CA ASN B 317 -6.42 -5.84 12.85
C ASN B 317 -7.42 -4.75 13.31
N LEU B 318 -8.66 -4.80 12.82
CA LEU B 318 -9.64 -3.74 13.14
C LEU B 318 -9.97 -3.74 14.65
N LYS B 319 -9.92 -4.91 15.28
CA LYS B 319 -10.14 -5.02 16.72
CA LYS B 319 -10.12 -5.06 16.73
C LYS B 319 -9.06 -4.30 17.52
N LYS B 320 -7.81 -4.45 17.09
CA LYS B 320 -6.69 -3.74 17.69
C LYS B 320 -6.85 -2.25 17.47
N ILE B 321 -7.21 -1.86 16.23
CA ILE B 321 -7.35 -0.44 15.93
C ILE B 321 -8.48 0.18 16.76
N ALA B 322 -9.57 -0.55 16.93
CA ALA B 322 -10.72 -0.03 17.67
C ALA B 322 -10.37 0.23 19.14
N ALA B 323 -9.53 -0.63 19.69
CA ALA B 323 -9.07 -0.50 21.07
C ALA B 323 -8.27 0.80 21.22
N PHE B 324 -7.35 1.04 20.27
CA PHE B 324 -6.56 2.27 20.26
C PHE B 324 -7.50 3.48 20.09
N ALA B 325 -8.44 3.39 19.14
CA ALA B 325 -9.42 4.49 18.95
C ALA B 325 -10.17 4.86 20.24
N ASP B 326 -10.54 3.84 21.02
CA ASP B 326 -11.34 4.04 22.24
C ASP B 326 -10.57 4.79 23.34
N LEU B 327 -9.26 4.87 23.23
CA LEU B 327 -8.49 5.64 24.21
C LEU B 327 -8.59 7.13 23.90
N HIS B 328 -9.13 7.49 22.75
CA HIS B 328 -9.09 8.89 22.27
C HIS B 328 -10.47 9.37 21.81
N HIS B 329 -11.53 8.79 22.37
CA HIS B 329 -12.91 9.17 22.06
C HIS B 329 -13.31 8.92 20.62
N VAL B 330 -12.62 8.03 19.93
CA VAL B 330 -12.98 7.73 18.54
C VAL B 330 -13.86 6.48 18.51
N LYS B 331 -14.99 6.57 17.80
CA LYS B 331 -15.91 5.44 17.61
C LYS B 331 -15.75 4.87 16.19
N THR B 332 -16.23 3.64 15.98
CA THR B 332 -16.18 3.05 14.63
C THR B 332 -17.35 3.53 13.78
N GLY B 333 -17.08 3.79 12.51
CA GLY B 333 -18.10 4.12 11.55
C GLY B 333 -17.82 3.41 10.25
N CYS B 334 -17.77 2.06 10.29
CA CYS B 334 -17.26 1.30 9.16
C CYS B 334 -17.98 1.62 7.85
N HIS B 335 -17.19 1.86 6.80
CA HIS B 335 -17.68 1.96 5.43
C HIS B 335 -18.48 0.68 5.08
N GLY B 336 -19.41 0.81 4.14
CA GLY B 336 -20.41 -0.25 3.87
C GLY B 336 -21.00 -0.10 2.50
N ALA B 337 -20.20 0.40 1.56
CA ALA B 337 -20.66 0.56 0.18
C ALA B 337 -20.83 -0.83 -0.47
N THR B 338 -21.43 -0.86 -1.65
CA THR B 338 -21.77 -2.13 -2.29
C THR B 338 -20.56 -3.01 -2.61
N ASP B 339 -19.38 -2.40 -2.72
CA ASP B 339 -18.15 -3.12 -3.12
C ASP B 339 -17.51 -3.90 -1.95
N LEU B 340 -18.17 -3.84 -0.80
CA LEU B 340 -17.92 -4.74 0.32
C LEU B 340 -19.02 -5.82 0.23
N SER B 341 -18.65 -7.06 -0.05
CA SER B 341 -19.64 -8.13 -0.29
C SER B 341 -20.35 -8.52 1.02
N PRO B 342 -21.41 -9.32 0.93
CA PRO B 342 -22.05 -9.87 2.12
C PRO B 342 -21.09 -10.60 3.08
N VAL B 343 -19.97 -11.17 2.56
CA VAL B 343 -18.98 -11.76 3.46
C VAL B 343 -18.34 -10.68 4.35
N THR B 344 -17.94 -9.54 3.77
CA THR B 344 -17.49 -8.43 4.62
C THR B 344 -18.60 -7.97 5.58
N MET B 345 -19.84 -7.88 5.08
CA MET B 345 -20.87 -7.36 5.96
C MET B 345 -21.06 -8.26 7.18
N ALA B 346 -21.06 -9.58 6.98
CA ALA B 346 -21.14 -10.50 8.09
C ALA B 346 -20.01 -10.24 9.07
N ALA B 347 -18.76 -10.19 8.55
CA ALA B 347 -17.60 -9.98 9.41
C ALA B 347 -17.72 -8.64 10.13
N ALA B 348 -18.18 -7.61 9.42
CA ALA B 348 -18.28 -6.28 10.01
C ALA B 348 -19.31 -6.28 11.14
N LEU B 349 -20.41 -7.02 10.93
CA LEU B 349 -21.46 -7.09 11.96
C LEU B 349 -20.98 -7.81 13.23
N HIS B 350 -20.23 -8.90 13.07
CA HIS B 350 -19.67 -9.57 14.24
C HIS B 350 -18.75 -8.64 15.01
N PHE B 351 -17.89 -7.92 14.28
CA PHE B 351 -17.01 -6.94 14.87
C PHE B 351 -17.85 -5.85 15.59
N ASP B 352 -18.83 -5.30 14.87
CA ASP B 352 -19.62 -4.16 15.38
C ASP B 352 -20.35 -4.54 16.67
N MET B 353 -20.83 -5.79 16.74
CA MET B 353 -21.57 -6.24 17.90
C MET B 353 -20.75 -6.35 19.17
N SER B 354 -19.42 -6.42 19.03
CA SER B 354 -18.61 -6.89 20.13
CA SER B 354 -18.58 -6.91 20.11
C SER B 354 -17.68 -5.87 20.75
N ILE B 355 -17.83 -4.60 20.34
CA ILE B 355 -17.00 -3.53 20.90
C ILE B 355 -17.79 -2.47 21.64
N THR B 356 -17.15 -1.83 22.60
CA THR B 356 -17.83 -0.76 23.31
C THR B 356 -18.01 0.47 22.43
N ASN B 357 -16.97 0.82 21.67
CA ASN B 357 -16.98 2.09 20.93
C ASN B 357 -17.52 2.03 19.51
N PHE B 358 -18.63 1.33 19.33
CA PHE B 358 -19.35 1.33 18.06
C PHE B 358 -20.02 2.65 17.84
N GLY B 359 -19.90 3.20 16.63
CA GLY B 359 -20.58 4.46 16.32
C GLY B 359 -21.79 4.24 15.40
N LEU B 360 -21.53 3.74 14.20
CA LEU B 360 -22.57 3.49 13.22
C LEU B 360 -22.01 2.50 12.20
N GLN B 361 -22.87 1.82 11.45
CA GLN B 361 -22.45 0.96 10.32
C GLN B 361 -23.10 1.44 9.04
N GLU B 362 -22.29 1.70 8.00
CA GLU B 362 -22.89 2.02 6.71
C GLU B 362 -23.54 0.79 6.12
N TYR B 363 -24.74 0.93 5.54
CA TYR B 363 -25.37 -0.20 4.84
C TYR B 363 -26.00 0.22 3.51
N MET B 364 -25.27 0.05 2.41
CA MET B 364 -25.88 0.10 1.07
C MET B 364 -26.45 -1.27 0.71
N ARG B 365 -27.62 -1.30 0.08
CA ARG B 365 -28.22 -2.58 -0.30
C ARG B 365 -27.46 -3.21 -1.46
N HIS B 366 -27.27 -4.52 -1.38
CA HIS B 366 -26.76 -5.33 -2.49
C HIS B 366 -27.90 -5.71 -3.41
N THR B 367 -27.59 -6.11 -4.63
CA THR B 367 -28.63 -6.58 -5.54
C THR B 367 -29.15 -7.94 -5.07
N PRO B 368 -30.37 -8.29 -5.46
CA PRO B 368 -30.91 -9.60 -5.13
C PRO B 368 -29.99 -10.72 -5.63
N GLU B 369 -29.39 -10.56 -6.82
CA GLU B 369 -28.45 -11.58 -7.34
C GLU B 369 -27.22 -11.76 -6.42
N THR B 370 -26.75 -10.66 -5.84
CA THR B 370 -25.64 -10.73 -4.90
C THR B 370 -26.07 -11.47 -3.64
N ASP B 371 -27.27 -11.17 -3.13
CA ASP B 371 -27.76 -11.88 -1.93
C ASP B 371 -27.95 -13.37 -2.19
N ALA B 372 -28.31 -13.70 -3.43
CA ALA B 372 -28.45 -15.11 -3.80
C ALA B 372 -27.11 -15.83 -3.89
N VAL B 373 -26.08 -15.14 -4.39
CA VAL B 373 -24.76 -15.74 -4.49
C VAL B 373 -24.08 -15.91 -3.12
N PHE B 374 -24.43 -15.05 -2.15
CA PHE B 374 -23.81 -15.06 -0.83
C PHE B 374 -24.87 -15.24 0.26
N PRO B 375 -25.50 -16.43 0.32
CA PRO B 375 -26.50 -16.63 1.36
C PRO B 375 -25.91 -16.32 2.75
N HIS B 376 -26.69 -15.65 3.60
CA HIS B 376 -26.14 -15.19 4.87
C HIS B 376 -27.24 -15.14 5.91
N ALA B 377 -26.83 -15.11 7.18
CA ALA B 377 -27.78 -15.13 8.28
C ALA B 377 -28.15 -13.74 8.79
N TYR B 378 -27.39 -12.72 8.41
CA TYR B 378 -27.70 -11.40 8.95
C TYR B 378 -29.04 -10.88 8.43
N THR B 379 -29.72 -10.11 9.28
CA THR B 379 -31.03 -9.58 8.95
C THR B 379 -31.15 -8.13 9.38
N PHE B 380 -32.07 -7.44 8.72
CA PHE B 380 -32.33 -6.06 8.97
C PHE B 380 -33.74 -5.88 9.51
N SER B 381 -33.83 -5.20 10.66
CA SER B 381 -35.13 -4.85 11.19
CA SER B 381 -35.13 -4.90 11.27
C SER B 381 -35.04 -3.62 12.09
N ASP B 382 -36.05 -2.77 11.99
CA ASP B 382 -36.16 -1.57 12.81
C ASP B 382 -34.90 -0.72 12.78
N GLY B 383 -34.33 -0.56 11.58
CA GLY B 383 -33.14 0.27 11.43
C GLY B 383 -31.81 -0.30 11.90
N MET B 384 -31.80 -1.59 12.28
CA MET B 384 -30.57 -2.25 12.77
C MET B 384 -30.27 -3.56 12.05
N LEU B 385 -28.99 -3.84 11.80
CA LEU B 385 -28.62 -5.19 11.35
C LEU B 385 -28.27 -6.04 12.55
N HIS B 386 -28.41 -7.35 12.37
CA HIS B 386 -27.91 -8.27 13.40
C HIS B 386 -27.34 -9.44 12.67
N PRO B 387 -26.17 -9.96 13.12
CA PRO B 387 -25.43 -10.97 12.33
C PRO B 387 -26.05 -12.36 12.39
N GLY B 388 -26.95 -12.60 13.33
CA GLY B 388 -27.55 -13.91 13.47
C GLY B 388 -26.71 -14.70 14.44
N ASP B 389 -27.07 -15.96 14.64
CA ASP B 389 -26.40 -16.76 15.67
C ASP B 389 -25.92 -18.11 15.14
N LYS B 390 -25.72 -18.18 13.82
CA LYS B 390 -25.12 -19.37 13.22
C LYS B 390 -23.65 -19.48 13.60
N PRO B 391 -23.11 -20.69 13.62
CA PRO B 391 -21.70 -20.74 13.91
C PRO B 391 -20.82 -20.05 12.84
N GLY B 392 -19.70 -19.44 13.25
CA GLY B 392 -18.82 -18.76 12.31
C GLY B 392 -19.37 -17.38 11.93
N LEU B 393 -19.17 -16.98 10.67
CA LEU B 393 -19.63 -15.68 10.23
C LEU B 393 -21.12 -15.68 9.87
N GLY B 394 -21.64 -16.85 9.49
CA GLY B 394 -23.04 -16.95 9.07
C GLY B 394 -23.19 -16.50 7.63
N VAL B 395 -22.25 -16.90 6.76
CA VAL B 395 -22.30 -16.56 5.35
C VAL B 395 -21.52 -17.59 4.58
N ASP B 396 -21.83 -17.72 3.29
CA ASP B 396 -21.16 -18.66 2.42
C ASP B 396 -21.31 -18.13 1.01
N ILE B 397 -20.60 -18.74 0.07
CA ILE B 397 -20.73 -18.43 -1.34
C ILE B 397 -21.29 -19.66 -2.05
N ASP B 398 -22.26 -19.44 -2.91
CA ASP B 398 -22.80 -20.54 -3.68
C ASP B 398 -21.99 -20.61 -4.97
N GLU B 399 -21.06 -21.56 -5.04
CA GLU B 399 -20.12 -21.57 -6.16
C GLU B 399 -20.82 -21.78 -7.52
N ASP B 400 -21.86 -22.62 -7.53
CA ASP B 400 -22.57 -22.90 -8.77
C ASP B 400 -23.24 -21.63 -9.28
N LEU B 401 -23.89 -20.88 -8.40
CA LEU B 401 -24.55 -19.66 -8.83
C LEU B 401 -23.49 -18.62 -9.20
N ALA B 402 -22.41 -18.55 -8.40
CA ALA B 402 -21.32 -17.58 -8.68
C ALA B 402 -20.78 -17.80 -10.08
N ALA B 403 -20.72 -19.06 -10.50
CA ALA B 403 -20.14 -19.38 -11.80
C ALA B 403 -20.99 -18.86 -12.97
N LYS B 404 -22.25 -18.54 -12.70
CA LYS B 404 -23.14 -18.07 -13.74
C LYS B 404 -22.96 -16.57 -14.00
N HIS B 405 -22.12 -15.90 -13.22
CA HIS B 405 -21.91 -14.45 -13.37
C HIS B 405 -20.46 -14.11 -13.54
N PRO B 406 -19.95 -14.13 -14.77
CA PRO B 406 -18.51 -13.92 -14.92
C PRO B 406 -18.07 -12.47 -14.63
N TYR B 407 -16.81 -12.33 -14.22
CA TYR B 407 -16.15 -11.03 -14.08
C TYR B 407 -16.44 -10.11 -15.25
N LYS B 408 -16.68 -8.84 -14.94
CA LYS B 408 -16.86 -7.82 -15.95
C LYS B 408 -16.07 -6.59 -15.53
N ARG B 409 -15.05 -6.22 -16.30
CA ARG B 409 -14.18 -5.10 -15.92
CA ARG B 409 -14.18 -5.10 -15.91
C ARG B 409 -15.03 -3.86 -15.67
N ALA B 410 -14.80 -3.17 -14.55
CA ALA B 410 -15.57 -1.94 -14.23
C ALA B 410 -14.72 -1.05 -13.31
N TYR B 411 -14.60 0.22 -13.67
CA TYR B 411 -13.74 1.17 -12.95
C TYR B 411 -14.50 2.18 -12.11
N LEU B 412 -13.83 2.63 -11.05
CA LEU B 412 -14.33 3.82 -10.37
C LEU B 412 -14.12 5.06 -11.24
N PRO B 413 -14.94 6.10 -11.03
CA PRO B 413 -14.78 7.31 -11.86
C PRO B 413 -13.52 8.09 -11.48
N VAL B 414 -13.20 9.08 -12.30
CA VAL B 414 -12.15 10.04 -11.97
C VAL B 414 -12.77 11.45 -12.03
N ASN B 415 -12.03 12.44 -11.54
CA ASN B 415 -12.55 13.77 -11.40
C ASN B 415 -11.44 14.77 -11.74
N ARG B 416 -11.79 15.83 -12.47
CA ARG B 416 -10.84 16.88 -12.86
C ARG B 416 -11.45 18.25 -12.53
N LEU B 417 -10.61 19.25 -12.26
CA LEU B 417 -11.04 20.65 -12.05
C LEU B 417 -11.44 21.29 -13.38
N GLU B 418 -12.02 22.48 -13.30
CA GLU B 418 -12.52 23.15 -14.49
C GLU B 418 -11.45 23.35 -15.56
N ASP B 419 -10.21 23.51 -15.14
CA ASP B 419 -9.08 23.74 -16.08
C ASP B 419 -8.48 22.44 -16.56
N GLY B 420 -9.07 21.31 -16.17
CA GLY B 420 -8.55 20.00 -16.57
C GLY B 420 -7.59 19.34 -15.58
N THR B 421 -7.21 20.05 -14.51
CA THR B 421 -6.29 19.49 -13.53
C THR B 421 -6.78 18.15 -12.98
N MET B 422 -5.94 17.12 -12.99
CA MET B 422 -6.30 15.84 -12.36
C MET B 422 -6.62 16.09 -10.88
N PHE B 423 -7.77 15.60 -10.42
CA PHE B 423 -8.20 15.88 -9.05
C PHE B 423 -8.66 14.57 -8.39
N ASN B 424 -9.35 14.66 -7.26
CA ASN B 424 -9.76 13.48 -6.49
C ASN B 424 -11.23 13.24 -6.71
N TRP B 425 -11.60 12.01 -7.06
CA TRP B 425 -13.01 11.63 -7.17
C TRP B 425 -13.52 11.20 -5.83
#